data_7V8J
#
_entry.id   7V8J
#
_cell.length_a   77.080
_cell.length_b   81.720
_cell.length_c   105.260
_cell.angle_alpha   90.000
_cell.angle_beta   102.550
_cell.angle_gamma   90.000
#
_symmetry.space_group_name_H-M   'P 1 21 1'
#
loop_
_entity.id
_entity.type
_entity.pdbx_description
1 polymer 'Prolyl-tRNA synthetase'
2 non-polymer "5'-O-[(R)-hydroxy{[(2S)-pyrrolidin-2-ylcarbonyl]oxy}phosphoryl]adenosine"
3 non-polymer PYROPHOSPHATE
4 non-polymer 1,2-ETHANEDIOL
5 non-polymer PROLINE
6 water water
#
_entity_poly.entity_id   1
_entity_poly.type   'polypeptide(L)'
_entity_poly.pdbx_seq_one_letter_code
;GAMVTAKKDENFSEWYTQAIVRSEMIEYYDISGCYIMRPWAFHIWEKVQRFFDDEIKKMGVENSYFPMFVSRHKLEKEKD
HVEGFSPEVAWVTHYGDSPLPEKIAIRPTSETIMYPAYAKWIRSHRDLPLKLNQWCSVVRWEFKQPTPFLRTREFLWQEG
HTAHATEEEAWELVLDILELYRRWYEECLAVPVIKGEKSEGEKFAGGKKTTTVEAFIPENGRGIQAATSHLLGTNFAKMF
EIEFEDEEGHKRLVHQTSWGCTTRSLGVMIMTHGDDKGLVIPPRVASVQVVIIPILFKDENTGEILGKCRELKTMLEKAD
IRVRIDDRSNYTPGWKYNHWEVKGVPLRLELGPKDLAKGTARVVRRDTGEAYQISWADLAPKLLELMEGIQRSLFEKAKA
RLHEGIEKISTFDEVMPALNRKHLVLAPWCEDPESEEQIKKETQKLSEIQAIEAGDSEQVMTGAMKTLCIPFDQPPMPEG
TKCFYTGKPAKRWTLWGRSY
;
_entity_poly.pdbx_strand_id   A,B
#
# COMPACT_ATOMS: atom_id res chain seq x y z
N ALA A 2 -29.53 -3.73 3.65
CA ALA A 2 -30.66 -4.48 4.21
C ALA A 2 -30.17 -5.71 4.97
N MET A 3 -30.80 -6.86 4.72
CA MET A 3 -30.44 -8.13 5.34
C MET A 3 -30.38 -9.19 4.23
N VAL A 4 -29.59 -10.24 4.46
CA VAL A 4 -29.50 -11.33 3.48
C VAL A 4 -30.77 -12.17 3.52
N THR A 5 -31.37 -12.43 2.35
CA THR A 5 -32.55 -13.27 2.26
C THR A 5 -32.36 -14.53 1.41
N ALA A 6 -31.40 -14.55 0.51
CA ALA A 6 -30.99 -15.78 -0.14
C ALA A 6 -30.36 -16.73 0.87
N LYS A 7 -30.63 -18.02 0.70
CA LYS A 7 -30.11 -19.03 1.60
C LYS A 7 -28.86 -19.67 1.00
N LYS A 8 -27.86 -19.89 1.84
CA LYS A 8 -26.52 -20.22 1.34
C LYS A 8 -26.48 -21.58 0.66
N ASP A 9 -27.24 -22.55 1.16
CA ASP A 9 -27.25 -23.92 0.68
C ASP A 9 -28.28 -24.16 -0.43
N GLU A 10 -28.78 -23.11 -1.05
CA GLU A 10 -29.73 -23.26 -2.14
C GLU A 10 -29.18 -22.59 -3.37
N ASN A 11 -29.25 -21.27 -3.44
CA ASN A 11 -28.65 -20.50 -4.53
C ASN A 11 -27.39 -19.84 -4.00
N PHE A 12 -26.24 -20.49 -4.22
CA PHE A 12 -24.98 -20.01 -3.66
C PHE A 12 -24.53 -18.71 -4.31
N SER A 13 -24.66 -18.60 -5.63
CA SER A 13 -24.30 -17.36 -6.32
C SER A 13 -25.07 -16.18 -5.76
N GLU A 14 -26.38 -16.32 -5.62
CA GLU A 14 -27.16 -15.18 -5.15
C GLU A 14 -26.87 -14.89 -3.69
N TRP A 15 -26.66 -15.94 -2.90
CA TRP A 15 -26.27 -15.71 -1.51
C TRP A 15 -24.99 -14.91 -1.45
N TYR A 16 -24.00 -15.29 -2.25
CA TYR A 16 -22.71 -14.62 -2.22
C TYR A 16 -22.84 -13.15 -2.59
N THR A 17 -23.51 -12.87 -3.72
CA THR A 17 -23.71 -11.48 -4.11
C THR A 17 -24.39 -10.69 -3.00
N GLN A 18 -25.47 -11.24 -2.42
CA GLN A 18 -26.16 -10.54 -1.33
C GLN A 18 -25.23 -10.28 -0.15
N ALA A 19 -24.49 -11.30 0.28
CA ALA A 19 -23.60 -11.12 1.43
C ALA A 19 -22.59 -10.02 1.18
N ILE A 20 -21.99 -10.00 -0.01
CA ILE A 20 -20.91 -9.03 -0.19
C ILE A 20 -21.44 -7.64 -0.50
N VAL A 21 -22.66 -7.52 -1.03
CA VAL A 21 -23.21 -6.19 -1.30
C VAL A 21 -23.83 -5.61 -0.05
N ARG A 22 -24.66 -6.39 0.64
CA ARG A 22 -25.38 -5.90 1.80
C ARG A 22 -24.47 -5.60 2.97
N SER A 23 -23.29 -6.20 3.04
CA SER A 23 -22.34 -5.85 4.09
C SER A 23 -21.47 -4.65 3.75
N GLU A 24 -21.74 -3.99 2.61
CA GLU A 24 -21.03 -2.78 2.20
C GLU A 24 -19.56 -3.07 1.93
N MET A 25 -19.30 -4.23 1.32
CA MET A 25 -17.93 -4.65 1.00
C MET A 25 -17.56 -4.47 -0.45
N ILE A 26 -18.51 -4.65 -1.36
CA ILE A 26 -18.32 -4.54 -2.80
C ILE A 26 -19.35 -3.56 -3.36
N GLU A 27 -18.91 -2.71 -4.27
CA GLU A 27 -19.83 -2.00 -5.15
C GLU A 27 -19.56 -2.43 -6.58
N TYR A 28 -20.63 -2.68 -7.34
CA TYR A 28 -20.44 -3.17 -8.70
C TYR A 28 -20.12 -2.02 -9.66
N TYR A 29 -19.54 -2.39 -10.80
CA TYR A 29 -18.85 -1.44 -11.63
C TYR A 29 -19.16 -1.71 -13.10
N ASP A 30 -19.09 -0.65 -13.91
CA ASP A 30 -19.46 -0.74 -15.33
C ASP A 30 -18.63 -1.78 -16.11
N ILE A 31 -17.36 -1.94 -15.77
CA ILE A 31 -16.44 -2.80 -16.52
C ILE A 31 -16.42 -4.21 -15.91
N SER A 32 -16.80 -5.20 -16.70
CA SER A 32 -16.86 -6.58 -16.23
C SER A 32 -15.54 -7.02 -15.60
N GLY A 33 -15.60 -7.57 -14.39
CA GLY A 33 -14.43 -8.16 -13.77
C GLY A 33 -13.67 -7.24 -12.85
N CYS A 34 -14.05 -5.98 -12.77
CA CYS A 34 -13.49 -5.05 -11.79
C CYS A 34 -14.60 -4.56 -10.88
N TYR A 35 -14.27 -4.42 -9.61
CA TYR A 35 -15.26 -4.14 -8.60
C TYR A 35 -14.65 -3.12 -7.65
N ILE A 36 -15.51 -2.30 -7.04
CA ILE A 36 -15.06 -1.35 -6.03
C ILE A 36 -14.96 -2.07 -4.69
N MET A 37 -13.82 -1.92 -4.02
CA MET A 37 -13.61 -2.51 -2.69
C MET A 37 -13.87 -1.40 -1.69
N ARG A 38 -14.98 -1.53 -0.95
CA ARG A 38 -15.41 -0.50 -0.02
C ARG A 38 -14.69 -0.68 1.31
N PRO A 39 -14.67 0.34 2.16
CA PRO A 39 -13.84 0.23 3.37
C PRO A 39 -14.05 -1.04 4.19
N TRP A 40 -15.25 -1.62 4.20
CA TRP A 40 -15.47 -2.74 5.11
C TRP A 40 -14.68 -3.97 4.69
N ALA A 41 -14.59 -4.22 3.39
CA ALA A 41 -13.66 -5.23 2.88
C ALA A 41 -12.21 -4.82 3.08
N PHE A 42 -11.90 -3.54 2.83
CA PHE A 42 -10.51 -3.12 2.86
C PHE A 42 -9.91 -3.20 4.26
N HIS A 43 -10.72 -3.08 5.30
CA HIS A 43 -10.21 -3.28 6.67
C HIS A 43 -9.62 -4.68 6.82
N ILE A 44 -10.32 -5.70 6.31
CA ILE A 44 -9.83 -7.07 6.43
C ILE A 44 -8.54 -7.23 5.65
N TRP A 45 -8.52 -6.71 4.42
CA TRP A 45 -7.30 -6.76 3.62
C TRP A 45 -6.14 -6.09 4.37
N GLU A 46 -6.40 -5.00 5.09
CA GLU A 46 -5.34 -4.31 5.83
C GLU A 46 -4.84 -5.16 6.98
N LYS A 47 -5.74 -5.83 7.69
CA LYS A 47 -5.29 -6.73 8.74
C LYS A 47 -4.34 -7.78 8.20
N VAL A 48 -4.72 -8.46 7.11
CA VAL A 48 -3.86 -9.55 6.65
C VAL A 48 -2.58 -9.00 6.03
N GLN A 49 -2.64 -7.82 5.40
CA GLN A 49 -1.41 -7.25 4.87
C GLN A 49 -0.45 -6.89 5.99
N ARG A 50 -0.96 -6.36 7.10
CA ARG A 50 -0.07 -6.07 8.24
C ARG A 50 0.58 -7.34 8.74
N PHE A 51 -0.23 -8.38 8.91
CA PHE A 51 0.33 -9.64 9.38
C PHE A 51 1.50 -10.07 8.50
N PHE A 52 1.23 -10.18 7.21
CA PHE A 52 2.22 -10.77 6.33
C PHE A 52 3.44 -9.88 6.17
N ASP A 53 3.21 -8.57 6.08
CA ASP A 53 4.31 -7.64 5.93
C ASP A 53 5.27 -7.74 7.12
N ASP A 54 4.73 -7.76 8.34
CA ASP A 54 5.62 -7.90 9.51
C ASP A 54 6.41 -9.20 9.45
N GLU A 55 5.73 -10.31 9.09
CA GLU A 55 6.44 -11.58 9.10
C GLU A 55 7.56 -11.59 8.05
N ILE A 56 7.31 -11.07 6.84
CA ILE A 56 8.38 -11.09 5.83
C ILE A 56 9.47 -10.08 6.18
N LYS A 57 9.13 -8.99 6.87
CA LYS A 57 10.17 -8.10 7.36
C LYS A 57 11.09 -8.85 8.31
N LYS A 58 10.53 -9.76 9.11
CA LYS A 58 11.36 -10.58 10.00
C LYS A 58 12.31 -11.46 9.21
N MET A 59 11.93 -11.87 8.00
CA MET A 59 12.82 -12.67 7.20
C MET A 59 13.89 -11.84 6.47
N GLY A 60 13.91 -10.54 6.66
CA GLY A 60 14.82 -9.71 5.90
C GLY A 60 14.36 -9.29 4.51
N VAL A 61 13.04 -9.33 4.21
CA VAL A 61 12.53 -8.86 2.92
C VAL A 61 12.16 -7.40 3.01
N GLU A 62 12.51 -6.65 1.97
CA GLU A 62 12.30 -5.21 1.95
C GLU A 62 11.26 -4.83 0.89
N ASN A 63 10.38 -3.89 1.20
CA ASN A 63 9.39 -3.46 0.23
C ASN A 63 10.00 -2.50 -0.77
N SER A 64 9.39 -2.44 -1.94
CA SER A 64 9.90 -1.66 -3.05
C SER A 64 8.73 -1.35 -3.97
N TYR A 65 8.97 -0.54 -4.99
CA TYR A 65 7.94 -0.30 -5.99
C TYR A 65 8.55 -0.21 -7.38
N PHE A 66 8.17 -1.15 -8.24
CA PHE A 66 8.56 -1.22 -9.64
C PHE A 66 7.44 -0.68 -10.52
N PRO A 67 7.76 -0.27 -11.76
CA PRO A 67 6.72 0.34 -12.61
C PRO A 67 5.61 -0.64 -12.99
N MET A 68 4.44 -0.07 -13.28
CA MET A 68 3.30 -0.90 -13.68
C MET A 68 3.29 -1.24 -15.16
N PHE A 69 4.16 -0.63 -15.98
CA PHE A 69 4.21 -0.89 -17.42
C PHE A 69 5.42 -1.73 -17.79
N VAL A 70 5.25 -2.59 -18.81
CA VAL A 70 6.33 -3.43 -19.32
C VAL A 70 6.41 -3.27 -20.82
N SER A 71 7.64 -3.23 -21.34
CA SER A 71 7.93 -3.18 -22.76
C SER A 71 7.66 -4.53 -23.41
N ARG A 72 7.42 -4.50 -24.73
CA ARG A 72 7.13 -5.73 -25.47
C ARG A 72 8.29 -6.71 -25.41
N HIS A 73 9.51 -6.22 -25.66
CA HIS A 73 10.69 -7.10 -25.63
C HIS A 73 10.86 -7.75 -24.27
N LYS A 74 10.77 -6.96 -23.18
CA LYS A 74 11.08 -7.52 -21.87
C LYS A 74 10.04 -8.55 -21.47
N LEU A 75 8.77 -8.29 -21.82
CA LEU A 75 7.70 -9.24 -21.56
C LEU A 75 7.88 -10.53 -22.36
N GLU A 76 8.42 -10.44 -23.58
CA GLU A 76 8.52 -11.61 -24.43
C GLU A 76 9.96 -12.11 -24.61
N LYS A 77 10.69 -12.29 -23.52
CA LYS A 77 12.08 -12.74 -23.58
C LYS A 77 12.17 -14.28 -23.45
N SER A 86 0.96 -14.93 -22.28
CA SER A 86 0.69 -14.03 -23.40
C SER A 86 -0.81 -13.61 -23.56
N PRO A 87 -1.78 -14.55 -23.50
CA PRO A 87 -3.16 -14.18 -23.89
C PRO A 87 -3.88 -13.32 -22.87
N GLU A 88 -3.35 -13.15 -21.66
CA GLU A 88 -4.08 -12.45 -20.61
C GLU A 88 -3.57 -11.03 -20.37
N VAL A 89 -2.67 -10.53 -21.19
CA VAL A 89 -1.97 -9.28 -20.91
C VAL A 89 -2.70 -8.10 -21.57
N ALA A 90 -2.98 -7.08 -20.77
CA ALA A 90 -3.63 -5.87 -21.26
C ALA A 90 -2.61 -4.95 -21.92
N TRP A 91 -2.90 -4.51 -23.14
CA TRP A 91 -1.96 -3.67 -23.91
C TRP A 91 -2.52 -2.25 -24.07
N VAL A 92 -1.74 -1.27 -23.64
CA VAL A 92 -1.99 0.12 -24.00
C VAL A 92 -1.44 0.38 -25.40
N THR A 93 -2.32 0.72 -26.36
CA THR A 93 -1.89 0.96 -27.73
C THR A 93 -2.13 2.37 -28.25
N HIS A 94 -2.89 3.21 -27.54
CA HIS A 94 -3.18 4.54 -28.05
C HIS A 94 -3.22 5.55 -26.93
N TYR A 95 -2.82 6.78 -27.25
CA TYR A 95 -3.04 7.93 -26.39
C TYR A 95 -3.91 8.91 -27.17
N GLY A 96 -5.13 9.11 -26.71
CA GLY A 96 -6.09 9.81 -27.53
C GLY A 96 -6.36 8.93 -28.73
N ASP A 97 -6.14 9.51 -29.90
CA ASP A 97 -6.32 8.80 -31.12
C ASP A 97 -5.06 8.41 -31.79
N SER A 98 -3.96 8.92 -31.29
CA SER A 98 -2.66 8.50 -31.79
C SER A 98 -2.35 7.08 -31.32
N PRO A 99 -1.91 6.20 -32.22
CA PRO A 99 -1.27 4.96 -31.77
C PRO A 99 0.08 5.28 -31.15
N LEU A 100 0.39 4.64 -30.03
CA LEU A 100 1.73 4.78 -29.48
C LEU A 100 2.75 4.16 -30.43
N PRO A 101 3.97 4.71 -30.50
CA PRO A 101 4.98 4.15 -31.41
C PRO A 101 5.28 2.70 -31.11
N GLU A 102 5.39 2.36 -29.83
CA GLU A 102 5.51 0.99 -29.37
C GLU A 102 4.46 0.77 -28.30
N LYS A 103 3.62 -0.26 -28.48
CA LYS A 103 2.63 -0.60 -27.46
C LYS A 103 3.33 -1.09 -26.19
N ILE A 104 2.73 -0.80 -25.05
CA ILE A 104 3.28 -1.22 -23.78
C ILE A 104 2.17 -1.93 -23.01
N ALA A 105 2.58 -2.89 -22.18
CA ALA A 105 1.70 -3.75 -21.43
C ALA A 105 1.55 -3.26 -20.00
N ILE A 106 0.42 -3.58 -19.42
CA ILE A 106 0.20 -3.42 -18.00
C ILE A 106 0.63 -4.70 -17.31
N ARG A 107 1.24 -4.55 -16.14
CA ARG A 107 1.78 -5.59 -15.29
C ARG A 107 0.80 -6.74 -15.01
N PRO A 108 1.06 -7.95 -15.58
CA PRO A 108 0.34 -9.15 -15.12
C PRO A 108 1.05 -9.85 -13.98
N THR A 109 2.34 -9.51 -13.81
CA THR A 109 3.25 -10.01 -12.79
C THR A 109 4.61 -9.44 -13.16
N SER A 110 5.48 -9.32 -12.16
CA SER A 110 6.62 -8.41 -12.31
C SER A 110 7.97 -9.08 -12.50
N GLU A 111 8.03 -10.38 -12.83
CA GLU A 111 9.34 -11.02 -13.09
C GLU A 111 10.11 -10.24 -14.15
N THR A 112 9.49 -10.02 -15.31
CA THR A 112 10.16 -9.33 -16.42
C THR A 112 10.33 -7.85 -16.16
N ILE A 113 9.71 -7.32 -15.12
CA ILE A 113 9.92 -5.94 -14.73
C ILE A 113 11.12 -5.80 -13.81
N MET A 114 11.39 -6.82 -12.99
CA MET A 114 12.39 -6.71 -11.93
C MET A 114 13.70 -7.37 -12.26
N TYR A 115 13.69 -8.40 -13.08
CA TYR A 115 14.93 -9.16 -13.16
C TYR A 115 16.02 -8.49 -14.00
N PRO A 116 15.72 -7.62 -14.97
CA PRO A 116 16.83 -6.83 -15.53
C PRO A 116 17.53 -6.01 -14.47
N ALA A 117 16.75 -5.48 -13.52
CA ALA A 117 17.29 -4.77 -12.38
C ALA A 117 18.07 -5.71 -11.47
N TYR A 118 17.56 -6.92 -11.26
CA TYR A 118 18.29 -7.88 -10.44
C TYR A 118 19.65 -8.19 -11.05
N ALA A 119 19.66 -8.43 -12.38
CA ALA A 119 20.90 -8.68 -13.12
C ALA A 119 21.89 -7.56 -12.94
N LYS A 120 21.41 -6.30 -12.95
CA LYS A 120 22.33 -5.18 -12.73
C LYS A 120 22.80 -5.09 -11.28
N TRP A 121 21.97 -5.49 -10.31
CA TRP A 121 22.29 -5.24 -8.91
C TRP A 121 23.12 -6.34 -8.27
N ILE A 122 23.19 -7.50 -8.89
CA ILE A 122 23.88 -8.64 -8.31
C ILE A 122 25.20 -8.80 -9.07
N ARG A 123 26.32 -8.79 -8.32
CA ARG A 123 27.63 -9.05 -8.90
C ARG A 123 28.43 -10.09 -8.12
N SER A 124 28.45 -10.03 -6.80
CA SER A 124 29.17 -11.00 -6.00
C SER A 124 28.23 -11.76 -5.07
N HIS A 125 28.74 -12.86 -4.51
CA HIS A 125 28.04 -13.58 -3.45
C HIS A 125 27.72 -12.67 -2.27
N ARG A 126 28.40 -11.54 -2.16
CA ARG A 126 28.09 -10.61 -1.08
C ARG A 126 26.77 -9.88 -1.32
N ASP A 127 26.23 -9.90 -2.53
CA ASP A 127 24.94 -9.26 -2.77
C ASP A 127 23.77 -10.18 -2.42
N LEU A 128 24.02 -11.38 -1.95
CA LEU A 128 22.95 -12.34 -1.80
C LEU A 128 22.82 -12.78 -0.35
N PRO A 129 21.60 -13.10 0.11
CA PRO A 129 20.40 -13.12 -0.73
C PRO A 129 19.86 -11.72 -0.96
N LEU A 130 19.17 -11.51 -2.08
CA LEU A 130 18.42 -10.29 -2.33
C LEU A 130 16.95 -10.62 -2.18
N LYS A 131 16.23 -9.86 -1.36
CA LYS A 131 14.88 -10.22 -0.96
C LYS A 131 14.00 -8.98 -1.07
N LEU A 132 13.16 -8.89 -2.10
CA LEU A 132 12.33 -7.71 -2.29
C LEU A 132 10.87 -8.13 -2.37
N ASN A 133 9.98 -7.23 -1.97
CA ASN A 133 8.54 -7.48 -2.00
C ASN A 133 7.80 -6.22 -2.46
N GLN A 134 6.64 -6.43 -3.05
CA GLN A 134 5.84 -5.35 -3.62
C GLN A 134 4.37 -5.55 -3.25
N TRP A 135 3.75 -4.52 -2.69
CA TRP A 135 2.29 -4.45 -2.58
C TRP A 135 1.74 -3.58 -3.69
N CYS A 136 0.84 -4.13 -4.49
CA CYS A 136 0.41 -3.41 -5.68
C CYS A 136 -0.78 -4.13 -6.30
N SER A 137 -1.25 -3.61 -7.42
CA SER A 137 -2.35 -4.21 -8.15
C SER A 137 -1.83 -4.70 -9.49
N VAL A 138 -2.60 -5.61 -10.09
CA VAL A 138 -2.16 -6.38 -11.25
C VAL A 138 -3.38 -6.67 -12.12
N VAL A 139 -3.16 -6.76 -13.43
CA VAL A 139 -4.22 -6.97 -14.40
C VAL A 139 -3.94 -8.25 -15.18
N ARG A 140 -4.91 -9.16 -15.20
CA ARG A 140 -4.93 -10.31 -16.10
C ARG A 140 -6.36 -10.47 -16.64
N TRP A 141 -6.51 -10.57 -17.95
CA TRP A 141 -7.82 -10.54 -18.60
C TRP A 141 -8.29 -11.94 -18.94
N GLU A 142 -8.96 -12.60 -17.99
CA GLU A 142 -9.60 -13.89 -18.27
C GLU A 142 -11.03 -13.64 -18.77
N LYS A 144 -12.30 -16.50 -18.60
CA LYS A 144 -13.39 -17.06 -17.81
C LYS A 144 -14.37 -15.96 -17.42
N GLN A 145 -15.31 -16.29 -16.52
CA GLN A 145 -16.33 -15.40 -16.01
C GLN A 145 -15.95 -14.97 -14.60
N PRO A 146 -16.19 -13.70 -14.26
CA PRO A 146 -15.59 -13.14 -13.05
C PRO A 146 -16.41 -13.40 -11.79
N THR A 147 -15.74 -13.25 -10.66
CA THR A 147 -16.36 -13.43 -9.37
C THR A 147 -15.66 -12.42 -8.47
N PRO A 148 -16.41 -11.55 -7.79
CA PRO A 148 -15.77 -10.59 -6.90
C PRO A 148 -14.87 -11.31 -5.90
N PHE A 149 -13.69 -10.73 -5.67
CA PHE A 149 -12.58 -11.30 -4.89
C PHE A 149 -11.95 -12.53 -5.52
N LEU A 150 -12.74 -13.55 -5.83
CA LEU A 150 -12.21 -14.82 -6.29
C LEU A 150 -11.49 -14.69 -7.64
N ARG A 151 -12.20 -14.24 -8.68
CA ARG A 151 -11.62 -14.10 -10.02
C ARG A 151 -11.97 -12.72 -10.59
N THR A 152 -11.09 -11.77 -10.33
CA THR A 152 -11.22 -10.41 -10.84
C THR A 152 -10.11 -10.11 -11.85
N ARG A 153 -10.36 -9.13 -12.72
CA ARG A 153 -9.41 -8.79 -13.78
C ARG A 153 -8.33 -7.82 -13.32
N GLU A 154 -8.64 -6.90 -12.41
CA GLU A 154 -7.64 -6.19 -11.65
C GLU A 154 -7.73 -6.68 -10.21
N PHE A 155 -6.60 -6.95 -9.58
CA PHE A 155 -6.65 -7.37 -8.19
C PHE A 155 -5.44 -6.87 -7.42
N LEU A 156 -5.61 -6.76 -6.12
CA LEU A 156 -4.55 -6.37 -5.20
C LEU A 156 -3.81 -7.62 -4.77
N TRP A 157 -2.49 -7.48 -4.62
CA TRP A 157 -1.70 -8.59 -4.11
C TRP A 157 -0.40 -8.07 -3.53
N GLN A 158 0.39 -9.00 -3.09
CA GLN A 158 1.77 -8.82 -2.83
C GLN A 158 2.49 -9.85 -3.70
N GLU A 159 3.57 -9.48 -4.31
CA GLU A 159 4.50 -10.38 -4.99
C GLU A 159 5.90 -10.17 -4.41
N GLY A 160 6.49 -11.25 -3.93
CA GLY A 160 7.85 -11.25 -3.39
C GLY A 160 8.76 -12.06 -4.29
N HIS A 161 9.99 -11.57 -4.46
CA HIS A 161 10.99 -12.11 -5.36
C HIS A 161 12.34 -12.14 -4.66
N THR A 162 12.97 -13.31 -4.61
CA THR A 162 14.28 -13.39 -3.97
C THR A 162 15.29 -14.14 -4.85
N ALA A 163 16.56 -13.80 -4.66
CA ALA A 163 17.68 -14.47 -5.30
C ALA A 163 18.66 -14.94 -4.24
N HIS A 164 19.19 -16.15 -4.44
CA HIS A 164 20.06 -16.85 -3.49
C HIS A 164 21.24 -17.49 -4.24
N ALA A 165 22.31 -17.78 -3.49
CA ALA A 165 23.50 -18.41 -4.07
C ALA A 165 23.35 -19.89 -4.31
N THR A 166 22.34 -20.54 -3.73
CA THR A 166 22.18 -22.00 -3.75
C THR A 166 20.71 -22.36 -3.89
N GLU A 167 20.46 -23.53 -4.47
CA GLU A 167 19.08 -23.97 -4.60
C GLU A 167 18.47 -24.31 -3.26
N GLU A 168 19.24 -24.91 -2.35
CA GLU A 168 18.65 -25.36 -1.07
C GLU A 168 18.17 -24.16 -0.25
N GLU A 169 18.88 -23.03 -0.34
CA GLU A 169 18.46 -21.83 0.37
C GLU A 169 17.19 -21.25 -0.25
N ALA A 170 17.11 -21.27 -1.58
CA ALA A 170 15.90 -20.87 -2.26
C ALA A 170 14.72 -21.70 -1.80
N TRP A 171 14.87 -23.03 -1.86
CA TRP A 171 13.78 -23.93 -1.49
C TRP A 171 13.35 -23.71 -0.05
N GLU A 172 14.31 -23.48 0.84
CA GLU A 172 14.00 -23.13 2.22
C GLU A 172 13.07 -21.92 2.27
N LEU A 173 13.39 -20.89 1.49
CA LEU A 173 12.56 -19.69 1.50
C LEU A 173 11.17 -19.96 0.93
N VAL A 174 11.10 -20.74 -0.16
CA VAL A 174 9.82 -21.16 -0.73
C VAL A 174 8.94 -21.79 0.36
N LEU A 175 9.54 -22.68 1.14
CA LEU A 175 8.74 -23.35 2.15
C LEU A 175 8.38 -22.43 3.31
N ASP A 176 9.27 -21.50 3.68
CA ASP A 176 8.94 -20.57 4.76
C ASP A 176 7.80 -19.65 4.36
N ILE A 177 7.82 -19.16 3.11
CA ILE A 177 6.75 -18.29 2.65
C ILE A 177 5.44 -19.07 2.53
N LEU A 178 5.51 -20.33 2.10
CA LEU A 178 4.29 -21.14 2.04
C LEU A 178 3.72 -21.33 3.44
N GLU A 179 4.57 -21.54 4.43
CA GLU A 179 4.10 -21.63 5.80
C GLU A 179 3.46 -20.32 6.24
N LEU A 180 4.03 -19.19 5.85
CA LEU A 180 3.36 -17.92 6.11
C LEU A 180 1.97 -17.84 5.45
N TYR A 181 1.81 -18.41 4.25
CA TYR A 181 0.47 -18.39 3.64
C TYR A 181 -0.49 -19.32 4.38
N ARG A 182 0.01 -20.45 4.88
CA ARG A 182 -0.82 -21.27 5.75
C ARG A 182 -1.28 -20.47 6.96
N ARG A 183 -0.40 -19.64 7.53
CA ARG A 183 -0.82 -18.88 8.70
C ARG A 183 -1.81 -17.77 8.32
N TRP A 184 -1.58 -17.13 7.18
CA TRP A 184 -2.49 -16.13 6.64
C TRP A 184 -3.90 -16.69 6.55
N TYR A 185 -4.05 -17.87 5.95
CA TYR A 185 -5.39 -18.43 5.81
C TYR A 185 -5.90 -19.05 7.11
N GLU A 186 -5.07 -19.87 7.76
CA GLU A 186 -5.54 -20.69 8.87
C GLU A 186 -5.50 -19.94 10.20
N GLU A 187 -4.43 -19.23 10.52
CA GLU A 187 -4.42 -18.54 11.80
C GLU A 187 -5.16 -17.21 11.72
N CYS A 188 -5.09 -16.55 10.58
CA CYS A 188 -5.67 -15.22 10.47
C CYS A 188 -7.15 -15.30 10.03
N LEU A 189 -7.42 -15.95 8.91
CA LEU A 189 -8.77 -16.00 8.34
C LEU A 189 -9.56 -17.23 8.77
N ALA A 190 -8.97 -18.12 9.59
CA ALA A 190 -9.66 -19.33 10.05
C ALA A 190 -10.16 -20.19 8.89
N VAL A 191 -9.40 -20.23 7.81
CA VAL A 191 -9.70 -21.04 6.61
C VAL A 191 -8.67 -22.16 6.54
N PRO A 192 -9.08 -23.43 6.63
CA PRO A 192 -8.12 -24.52 6.43
C PRO A 192 -7.66 -24.56 4.98
N VAL A 193 -6.43 -25.10 4.79
CA VAL A 193 -5.80 -25.18 3.47
C VAL A 193 -4.86 -26.38 3.47
N ILE A 194 -4.58 -26.88 2.27
CA ILE A 194 -3.75 -28.05 2.05
C ILE A 194 -2.51 -27.61 1.29
N LYS A 195 -1.33 -27.85 1.88
CA LYS A 195 -0.07 -27.60 1.18
C LYS A 195 0.24 -28.73 0.21
N GLY A 196 0.71 -28.36 -0.99
CA GLY A 196 1.17 -29.36 -1.93
C GLY A 196 1.98 -28.75 -3.05
N GLU A 197 2.42 -29.61 -3.98
CA GLU A 197 3.03 -29.21 -5.24
C GLU A 197 2.00 -29.16 -6.35
N LYS A 198 2.12 -28.17 -7.23
CA LYS A 198 1.43 -28.26 -8.51
C LYS A 198 2.00 -29.39 -9.37
N SER A 199 1.17 -29.89 -10.28
CA SER A 199 1.66 -30.76 -11.33
C SER A 199 2.50 -29.95 -12.33
N GLU A 200 3.20 -30.64 -13.22
CA GLU A 200 4.00 -29.94 -14.22
C GLU A 200 3.15 -29.08 -15.15
N GLY A 201 1.88 -29.44 -15.34
CA GLY A 201 1.02 -28.64 -16.20
C GLY A 201 0.28 -27.51 -15.53
N GLU A 202 0.36 -27.43 -14.22
CA GLU A 202 -0.35 -26.43 -13.45
C GLU A 202 0.58 -25.39 -12.85
N LYS A 203 1.87 -25.53 -13.04
CA LYS A 203 2.87 -24.75 -12.31
C LYS A 203 3.20 -23.48 -13.08
N PHE A 204 3.81 -22.54 -12.36
CA PHE A 204 4.17 -21.24 -12.91
C PHE A 204 5.02 -21.39 -14.16
N ALA A 205 4.68 -20.62 -15.18
CA ALA A 205 5.36 -20.73 -16.46
C ALA A 205 6.81 -20.26 -16.32
N GLY A 206 7.76 -21.12 -16.69
CA GLY A 206 9.16 -20.79 -16.64
C GLY A 206 9.91 -21.33 -15.43
N GLY A 207 9.21 -21.60 -14.32
CA GLY A 207 9.86 -22.00 -13.10
C GLY A 207 10.06 -23.50 -13.01
N LYS A 208 10.68 -23.92 -11.91
CA LYS A 208 11.08 -25.29 -11.66
C LYS A 208 10.05 -26.06 -10.83
N LYS A 209 9.61 -25.46 -9.72
CA LYS A 209 8.69 -26.13 -8.81
C LYS A 209 7.73 -25.10 -8.25
N THR A 210 6.43 -25.35 -8.36
CA THR A 210 5.44 -24.47 -7.74
C THR A 210 4.79 -25.19 -6.58
N THR A 211 4.81 -24.56 -5.41
CA THR A 211 4.09 -25.05 -4.24
C THR A 211 2.85 -24.20 -4.03
N THR A 212 1.91 -24.70 -3.25
CA THR A 212 0.64 -24.01 -3.19
C THR A 212 -0.11 -24.42 -1.93
N VAL A 213 -0.96 -23.51 -1.45
CA VAL A 213 -2.01 -23.88 -0.50
C VAL A 213 -3.34 -23.89 -1.26
N GLU A 214 -4.13 -24.94 -1.04
CA GLU A 214 -5.42 -25.13 -1.70
C GLU A 214 -6.54 -25.08 -0.67
N ALA A 215 -7.65 -24.43 -1.03
CA ALA A 215 -8.88 -24.32 -0.23
C ALA A 215 -10.07 -24.92 -0.97
N PHE A 216 -11.17 -25.11 -0.26
CA PHE A 216 -12.33 -25.84 -0.76
C PHE A 216 -13.62 -25.10 -0.47
N ILE A 217 -14.48 -24.97 -1.48
CA ILE A 217 -15.82 -24.42 -1.31
C ILE A 217 -16.79 -25.60 -1.37
N PRO A 218 -17.38 -26.00 -0.24
CA PRO A 218 -18.24 -27.19 -0.26
C PRO A 218 -19.51 -27.01 -1.05
N GLU A 219 -20.09 -25.80 -1.06
CA GLU A 219 -21.42 -25.61 -1.64
C GLU A 219 -21.43 -25.78 -3.14
N ASN A 220 -20.27 -25.70 -3.80
CA ASN A 220 -20.22 -26.05 -5.21
C ASN A 220 -19.15 -27.10 -5.49
N GLY A 221 -18.53 -27.65 -4.46
CA GLY A 221 -17.50 -28.67 -4.61
C GLY A 221 -16.22 -28.20 -5.26
N ARG A 222 -15.92 -26.91 -5.26
CA ARG A 222 -14.81 -26.44 -6.08
C ARG A 222 -13.60 -26.16 -5.21
N GLY A 223 -12.45 -26.70 -5.61
CA GLY A 223 -11.21 -26.27 -5.02
C GLY A 223 -10.75 -24.95 -5.61
N ILE A 224 -9.86 -24.27 -4.88
CA ILE A 224 -9.35 -22.98 -5.32
C ILE A 224 -7.95 -22.80 -4.77
N GLN A 225 -7.10 -22.16 -5.56
CA GLN A 225 -5.70 -21.94 -5.21
C GLN A 225 -5.61 -20.68 -4.38
N ALA A 226 -5.28 -20.86 -3.10
CA ALA A 226 -5.28 -19.74 -2.15
C ALA A 226 -4.05 -18.85 -2.30
N ALA A 227 -2.89 -19.41 -2.63
CA ALA A 227 -1.62 -18.70 -2.70
C ALA A 227 -0.59 -19.62 -3.30
N THR A 228 0.52 -19.05 -3.78
CA THR A 228 1.57 -19.86 -4.39
C THR A 228 2.97 -19.34 -4.10
N SER A 229 3.89 -20.30 -4.01
CA SER A 229 5.30 -20.08 -3.71
C SER A 229 6.10 -20.87 -4.73
N HIS A 230 6.88 -20.18 -5.56
CA HIS A 230 7.56 -20.81 -6.70
C HIS A 230 9.04 -20.93 -6.45
N LEU A 231 9.59 -22.10 -6.74
CA LEU A 231 11.04 -22.26 -6.93
C LEU A 231 11.28 -22.01 -8.40
N LEU A 232 11.66 -20.78 -8.72
CA LEU A 232 12.03 -20.44 -10.09
C LEU A 232 13.36 -21.06 -10.49
N GLY A 233 14.18 -21.47 -9.53
CA GLY A 233 15.42 -22.14 -9.89
C GLY A 233 16.40 -21.22 -10.58
N THR A 234 17.06 -21.71 -11.64
CA THR A 234 17.96 -20.85 -12.41
C THR A 234 17.39 -20.48 -13.77
N ASN A 235 16.17 -20.91 -14.11
CA ASN A 235 15.68 -20.71 -15.48
C ASN A 235 15.63 -19.22 -15.84
N PHE A 236 14.97 -18.41 -15.00
CA PHE A 236 14.92 -16.98 -15.24
C PHE A 236 16.30 -16.35 -15.16
N ALA A 237 17.16 -16.88 -14.28
CA ALA A 237 18.53 -16.40 -14.21
C ALA A 237 19.22 -16.48 -15.56
N LYS A 238 18.98 -17.54 -16.33
CA LYS A 238 19.56 -17.64 -17.66
C LYS A 238 18.92 -16.63 -18.59
N MET A 239 17.58 -16.57 -18.58
CA MET A 239 16.91 -15.64 -19.48
C MET A 239 17.38 -14.20 -19.26
N PHE A 240 17.68 -13.81 -18.02
CA PHE A 240 18.00 -12.42 -17.71
C PHE A 240 19.45 -12.22 -17.30
N GLU A 241 20.25 -13.29 -17.29
CA GLU A 241 21.69 -13.18 -17.04
C GLU A 241 21.97 -12.69 -15.62
N ILE A 242 21.33 -13.31 -14.64
CA ILE A 242 21.54 -12.93 -13.25
C ILE A 242 22.63 -13.85 -12.70
N GLU A 243 23.86 -13.33 -12.67
CA GLU A 243 25.01 -14.11 -12.26
C GLU A 243 25.78 -13.39 -11.15
N PHE A 244 26.48 -14.17 -10.35
CA PHE A 244 27.31 -13.65 -9.27
C PHE A 244 28.61 -14.42 -9.23
N GLU A 245 29.65 -13.77 -8.73
CA GLU A 245 30.94 -14.43 -8.50
C GLU A 245 30.94 -15.07 -7.12
N ASP A 246 31.18 -16.39 -7.04
CA ASP A 246 31.34 -17.03 -5.73
C ASP A 246 32.73 -16.71 -5.17
N GLU A 247 33.10 -17.36 -4.06
CA GLU A 247 34.38 -17.07 -3.42
C GLU A 247 35.55 -17.60 -4.24
N GLU A 248 35.38 -18.77 -4.85
CA GLU A 248 36.36 -19.32 -5.79
C GLU A 248 36.63 -18.38 -6.96
N GLY A 249 35.75 -17.40 -7.19
CA GLY A 249 35.85 -16.52 -8.34
C GLY A 249 35.09 -16.97 -9.56
N HIS A 250 34.45 -18.13 -9.50
CA HIS A 250 33.65 -18.62 -10.61
C HIS A 250 32.31 -17.90 -10.66
N LYS A 251 31.81 -17.66 -11.86
CA LYS A 251 30.51 -17.06 -12.02
C LYS A 251 29.44 -18.13 -12.00
N ARG A 252 28.32 -17.84 -11.33
CA ARG A 252 27.25 -18.80 -11.11
C ARG A 252 25.91 -18.10 -11.29
N LEU A 253 24.93 -18.84 -11.76
CA LEU A 253 23.56 -18.33 -11.82
C LEU A 253 22.92 -18.38 -10.44
N VAL A 254 22.18 -17.32 -10.09
CA VAL A 254 21.45 -17.30 -8.84
C VAL A 254 20.27 -18.27 -8.89
N HIS A 255 19.72 -18.55 -7.72
CA HIS A 255 18.53 -19.38 -7.57
C HIS A 255 17.39 -18.51 -7.06
N GLN A 256 16.26 -18.54 -7.74
CA GLN A 256 15.22 -17.55 -7.49
C GLN A 256 13.94 -18.18 -7.01
N THR A 257 13.28 -17.47 -6.10
CA THR A 257 11.91 -17.72 -5.69
C THR A 257 11.01 -16.54 -6.04
N SER A 258 9.74 -16.86 -6.19
CA SER A 258 8.67 -15.92 -6.52
C SER A 258 7.41 -16.39 -5.80
N TRP A 259 6.68 -15.46 -5.20
CA TRP A 259 5.59 -15.89 -4.36
C TRP A 259 4.57 -14.76 -4.25
N GLY A 260 3.28 -15.11 -4.24
CA GLY A 260 2.26 -14.08 -4.23
C GLY A 260 0.96 -14.53 -3.63
N CYS A 261 0.17 -13.54 -3.18
CA CYS A 261 -1.14 -13.88 -2.63
C CYS A 261 -2.02 -12.63 -2.65
N THR A 262 -3.34 -12.84 -2.88
CA THR A 262 -4.22 -11.74 -3.31
C THR A 262 -5.48 -11.62 -2.48
N THR A 263 -6.30 -10.65 -2.88
CA THR A 263 -7.58 -10.37 -2.25
C THR A 263 -8.56 -11.51 -2.41
N ARG A 264 -8.23 -12.51 -3.25
CA ARG A 264 -9.03 -13.71 -3.30
C ARG A 264 -9.22 -14.31 -1.92
N SER A 265 -8.22 -14.16 -1.02
CA SER A 265 -8.36 -14.67 0.33
C SER A 265 -9.63 -14.17 1.00
N LEU A 266 -9.94 -12.88 0.85
CA LEU A 266 -11.19 -12.34 1.39
C LEU A 266 -12.38 -13.17 0.91
N GLY A 267 -12.47 -13.38 -0.40
CA GLY A 267 -13.58 -14.16 -0.92
C GLY A 267 -13.71 -15.50 -0.22
N VAL A 268 -12.56 -16.20 -0.07
CA VAL A 268 -12.58 -17.53 0.52
C VAL A 268 -13.07 -17.47 1.95
N MET A 269 -12.56 -16.48 2.70
CA MET A 269 -13.03 -16.25 4.06
C MET A 269 -14.55 -16.09 4.09
N ILE A 270 -15.09 -15.22 3.23
CA ILE A 270 -16.53 -15.02 3.19
C ILE A 270 -17.22 -16.33 2.94
N MET A 271 -16.80 -17.04 1.89
CA MET A 271 -17.56 -18.20 1.51
C MET A 271 -17.45 -19.27 2.57
N THR A 272 -16.35 -19.23 3.33
CA THR A 272 -16.15 -20.26 4.33
C THR A 272 -17.00 -19.99 5.56
N HIS A 273 -17.15 -18.73 5.97
CA HIS A 273 -17.72 -18.47 7.28
C HIS A 273 -19.11 -17.86 7.27
N GLY A 274 -19.59 -17.42 6.11
CA GLY A 274 -20.88 -16.76 6.07
C GLY A 274 -22.02 -17.75 6.25
N ASP A 275 -23.18 -17.18 6.61
CA ASP A 275 -24.38 -17.95 6.89
C ASP A 275 -25.57 -17.16 6.34
N ASP A 276 -26.77 -17.66 6.61
CA ASP A 276 -27.95 -17.04 6.01
C ASP A 276 -28.17 -15.61 6.49
N LYS A 277 -27.48 -15.17 7.54
CA LYS A 277 -27.59 -13.79 8.00
C LYS A 277 -26.53 -12.86 7.42
N GLY A 278 -25.51 -13.39 6.76
CA GLY A 278 -24.49 -12.53 6.17
C GLY A 278 -23.08 -12.91 6.55
N LEU A 279 -22.18 -11.93 6.66
CA LEU A 279 -20.78 -12.22 6.97
C LEU A 279 -20.63 -12.72 8.39
N VAL A 280 -19.58 -13.52 8.61
CA VAL A 280 -19.04 -13.80 9.94
C VAL A 280 -17.54 -13.59 9.88
N ILE A 281 -17.05 -12.51 10.48
CA ILE A 281 -15.65 -12.13 10.35
C ILE A 281 -14.87 -12.72 11.53
N PRO A 282 -13.86 -13.54 11.29
CA PRO A 282 -13.04 -14.05 12.40
C PRO A 282 -12.47 -12.91 13.23
N PRO A 283 -12.46 -13.05 14.57
CA PRO A 283 -11.97 -11.96 15.42
C PRO A 283 -10.58 -11.47 15.07
N ARG A 284 -9.71 -12.35 14.57
CA ARG A 284 -8.33 -11.91 14.34
C ARG A 284 -8.21 -10.90 13.21
N VAL A 285 -9.12 -10.88 12.25
CA VAL A 285 -9.06 -9.85 11.21
C VAL A 285 -10.25 -8.90 11.28
N ALA A 286 -11.03 -8.93 12.36
CA ALA A 286 -12.16 -8.01 12.49
C ALA A 286 -11.67 -6.68 13.03
N SER A 287 -11.88 -5.62 12.25
CA SER A 287 -11.50 -4.29 12.69
C SER A 287 -12.40 -3.81 13.83
N VAL A 288 -13.63 -4.29 13.87
CA VAL A 288 -14.51 -4.11 15.00
C VAL A 288 -14.76 -5.50 15.57
N GLN A 289 -14.21 -5.78 16.75
CA GLN A 289 -14.46 -7.09 17.35
C GLN A 289 -15.71 -7.08 18.21
N VAL A 290 -15.90 -5.98 18.94
CA VAL A 290 -17.03 -5.78 19.82
C VAL A 290 -17.67 -4.47 19.43
N VAL A 291 -18.95 -4.50 19.09
CA VAL A 291 -19.74 -3.28 18.87
C VAL A 291 -20.66 -3.10 20.07
N ILE A 292 -20.57 -1.94 20.70
CA ILE A 292 -21.41 -1.63 21.85
C ILE A 292 -22.64 -0.89 21.35
N ILE A 293 -23.82 -1.45 21.60
CA ILE A 293 -25.08 -0.84 21.20
C ILE A 293 -25.73 -0.25 22.45
N PRO A 294 -25.84 1.07 22.57
CA PRO A 294 -26.56 1.66 23.71
C PRO A 294 -28.04 1.71 23.40
N ILE A 295 -28.85 1.08 24.24
CA ILE A 295 -30.29 1.00 24.04
C ILE A 295 -30.95 2.24 24.63
N LEU A 296 -31.50 3.08 23.80
CA LEU A 296 -32.16 4.25 24.27
C LEU A 296 -33.63 4.22 23.92
N PHE A 297 -34.49 4.34 24.91
CA PHE A 297 -35.92 4.37 24.70
C PHE A 297 -36.57 5.23 25.74
N LYS A 298 -37.43 6.14 25.30
CA LYS A 298 -38.22 7.03 26.11
C LYS A 298 -37.48 7.90 27.07
N ASP A 299 -36.29 8.32 26.70
CA ASP A 299 -35.40 9.11 27.52
C ASP A 299 -35.11 8.50 28.86
N GLU A 300 -35.01 7.18 28.96
CA GLU A 300 -34.89 6.63 30.27
C GLU A 300 -33.66 6.96 31.08
N ASN A 301 -32.47 6.83 30.56
CA ASN A 301 -31.33 7.16 31.36
C ASN A 301 -30.32 7.44 30.36
N THR A 302 -30.75 8.13 29.33
CA THR A 302 -29.96 8.34 28.18
C THR A 302 -28.57 8.85 28.40
N GLY A 303 -28.35 9.83 29.23
CA GLY A 303 -27.01 10.29 29.43
C GLY A 303 -26.12 9.38 30.22
N GLU A 304 -26.68 8.69 31.18
CA GLU A 304 -25.89 7.82 32.06
C GLU A 304 -25.35 6.62 31.30
N ILE A 305 -26.21 5.99 30.50
CA ILE A 305 -25.83 4.79 29.78
C ILE A 305 -24.75 5.09 28.74
N LEU A 306 -24.84 6.23 28.07
CA LEU A 306 -23.80 6.59 27.13
C LEU A 306 -22.46 6.67 27.85
N GLY A 307 -22.46 7.26 29.05
CA GLY A 307 -21.25 7.30 29.84
C GLY A 307 -20.69 5.92 30.14
N LYS A 308 -21.54 5.01 30.63
CA LYS A 308 -21.02 3.67 30.92
C LYS A 308 -20.48 2.99 29.67
N CYS A 309 -21.09 3.26 28.51
CA CYS A 309 -20.55 2.71 27.26
C CYS A 309 -19.14 3.19 26.99
N ARG A 310 -18.88 4.48 27.17
CA ARG A 310 -17.52 4.99 26.98
C ARG A 310 -16.56 4.38 28.01
N GLU A 311 -17.02 4.22 29.25
CA GLU A 311 -16.18 3.55 30.24
C GLU A 311 -15.80 2.14 29.79
N LEU A 312 -16.79 1.38 29.28
CA LEU A 312 -16.50 0.00 28.90
C LEU A 312 -15.57 -0.05 27.70
N LYS A 313 -15.78 0.85 26.72
CA LYS A 313 -14.83 0.98 25.62
C LYS A 313 -13.41 1.13 26.14
N THR A 314 -13.20 2.11 27.02
CA THR A 314 -11.87 2.33 27.56
C THR A 314 -11.32 1.08 28.26
N MET A 315 -12.14 0.47 29.11
CA MET A 315 -11.70 -0.74 29.82
C MET A 315 -11.28 -1.84 28.86
N LEU A 316 -12.02 -2.04 27.78
CA LEU A 316 -11.73 -3.11 26.83
C LEU A 316 -10.52 -2.77 25.96
N GLU A 317 -10.39 -1.50 25.57
CA GLU A 317 -9.23 -1.09 24.80
C GLU A 317 -7.94 -1.32 25.58
N LYS A 318 -7.97 -1.10 26.90
CA LYS A 318 -6.85 -1.47 27.77
C LYS A 318 -6.45 -2.93 27.60
N ALA A 319 -7.28 -3.77 26.99
CA ALA A 319 -6.90 -5.15 26.72
C ALA A 319 -6.71 -5.42 25.25
N ASP A 320 -6.61 -4.38 24.43
CA ASP A 320 -6.38 -4.45 22.97
C ASP A 320 -7.55 -5.06 22.22
N ILE A 321 -8.73 -4.98 22.79
CA ILE A 321 -9.95 -5.32 22.07
C ILE A 321 -10.33 -4.11 21.22
N ARG A 322 -10.71 -4.37 19.95
CA ARG A 322 -11.08 -3.30 19.03
C ARG A 322 -12.60 -3.05 19.11
N VAL A 323 -12.98 -1.94 19.72
CA VAL A 323 -14.34 -1.67 20.13
C VAL A 323 -14.83 -0.43 19.42
N ARG A 324 -16.08 -0.45 18.99
CA ARG A 324 -16.75 0.73 18.47
CA ARG A 324 -16.75 0.73 18.47
C ARG A 324 -18.09 0.90 19.19
N ILE A 325 -18.40 2.12 19.62
CA ILE A 325 -19.73 2.42 20.14
C ILE A 325 -20.58 2.98 18.99
N ASP A 326 -21.70 2.30 18.70
CA ASP A 326 -22.67 2.81 17.72
C ASP A 326 -23.68 3.64 18.49
N ASP A 327 -23.28 4.88 18.80
CA ASP A 327 -24.18 5.83 19.44
C ASP A 327 -24.83 6.77 18.43
N ARG A 328 -24.90 6.35 17.16
CA ARG A 328 -25.62 7.11 16.16
C ARG A 328 -27.08 7.22 16.56
N SER A 329 -27.58 8.44 16.60
CA SER A 329 -28.92 8.70 17.11
C SER A 329 -30.00 8.39 16.08
N ASN A 330 -29.63 8.30 14.79
CA ASN A 330 -30.59 8.24 13.70
C ASN A 330 -30.97 6.82 13.32
N TYR A 331 -30.61 5.84 14.13
CA TYR A 331 -31.00 4.46 13.90
C TYR A 331 -31.50 3.85 15.20
N THR A 332 -32.51 2.98 15.07
CA THR A 332 -33.00 2.25 16.21
C THR A 332 -31.99 1.17 16.63
N PRO A 333 -32.12 0.65 17.85
CA PRO A 333 -31.24 -0.47 18.23
C PRO A 333 -31.44 -1.70 17.37
N GLY A 334 -32.68 -2.06 17.02
CA GLY A 334 -32.89 -3.23 16.17
C GLY A 334 -32.25 -3.08 14.81
N TRP A 335 -32.36 -1.89 14.22
CA TRP A 335 -31.58 -1.63 13.02
C TRP A 335 -30.10 -1.91 13.27
N LYS A 336 -29.58 -1.43 14.40
CA LYS A 336 -28.16 -1.57 14.68
C LYS A 336 -27.76 -3.04 14.80
N TYR A 337 -28.62 -3.85 15.45
CA TYR A 337 -28.36 -5.29 15.52
C TYR A 337 -28.26 -5.88 14.12
N ASN A 338 -29.26 -5.63 13.26
CA ASN A 338 -29.21 -6.19 11.92
C ASN A 338 -27.97 -5.71 11.18
N HIS A 339 -27.63 -4.44 11.35
CA HIS A 339 -26.56 -3.84 10.59
C HIS A 339 -25.23 -4.50 10.94
N TRP A 340 -24.95 -4.62 12.24
CA TRP A 340 -23.68 -5.20 12.61
C TRP A 340 -23.66 -6.71 12.48
N GLU A 341 -24.83 -7.37 12.34
CA GLU A 341 -24.76 -8.80 12.07
C GLU A 341 -24.52 -9.10 10.57
N VAL A 342 -25.17 -8.37 9.65
CA VAL A 342 -24.84 -8.54 8.24
C VAL A 342 -23.36 -8.29 8.04
N LYS A 343 -22.85 -7.28 8.73
CA LYS A 343 -21.45 -6.93 8.59
C LYS A 343 -20.53 -7.94 9.25
N GLY A 344 -21.05 -8.87 10.06
CA GLY A 344 -20.26 -9.96 10.60
C GLY A 344 -19.39 -9.64 11.80
N VAL A 345 -19.69 -8.58 12.55
CA VAL A 345 -18.95 -8.27 13.76
C VAL A 345 -19.10 -9.43 14.75
N PRO A 346 -18.01 -10.02 15.24
CA PRO A 346 -18.14 -11.26 16.03
C PRO A 346 -18.90 -11.10 17.34
N LEU A 347 -18.75 -9.98 18.05
CA LEU A 347 -19.37 -9.84 19.36
C LEU A 347 -20.20 -8.57 19.40
N ARG A 348 -21.41 -8.67 19.94
CA ARG A 348 -22.27 -7.50 20.10
C ARG A 348 -22.56 -7.34 21.59
N LEU A 349 -22.40 -6.12 22.10
CA LEU A 349 -22.61 -5.83 23.51
C LEU A 349 -23.75 -4.82 23.63
N GLU A 350 -24.85 -5.27 24.23
CA GLU A 350 -26.03 -4.46 24.48
C GLU A 350 -26.01 -3.98 25.93
N LEU A 351 -26.17 -2.66 26.10
CA LEU A 351 -26.29 -2.07 27.42
C LEU A 351 -27.53 -1.17 27.43
N GLY A 352 -28.53 -1.56 28.22
CA GLY A 352 -29.70 -0.74 28.46
C GLY A 352 -29.82 -0.37 29.93
N PRO A 353 -30.93 0.28 30.30
CA PRO A 353 -31.06 0.69 31.71
C PRO A 353 -31.22 -0.49 32.64
N LYS A 354 -31.92 -1.54 32.18
CA LYS A 354 -31.95 -2.80 32.90
C LYS A 354 -30.54 -3.24 33.24
N ASP A 355 -29.63 -3.18 32.26
CA ASP A 355 -28.25 -3.61 32.46
C ASP A 355 -27.46 -2.63 33.33
N LEU A 356 -27.70 -1.33 33.20
CA LEU A 356 -26.99 -0.40 34.08
C LEU A 356 -27.34 -0.66 35.53
N ALA A 357 -28.60 -1.03 35.79
CA ALA A 357 -29.02 -1.38 37.15
C ALA A 357 -28.15 -2.49 37.73
N LYS A 358 -28.16 -3.66 37.11
CA LYS A 358 -27.19 -4.69 37.46
C LYS A 358 -25.80 -4.18 37.08
N GLY A 359 -24.78 -4.90 37.51
CA GLY A 359 -23.45 -4.45 37.10
C GLY A 359 -22.95 -5.18 35.88
N THR A 360 -23.82 -5.35 34.88
CA THR A 360 -23.61 -6.34 33.82
C THR A 360 -23.98 -5.76 32.46
N ALA A 361 -23.62 -6.52 31.41
CA ALA A 361 -23.95 -6.22 30.02
C ALA A 361 -24.36 -7.52 29.31
N ARG A 362 -25.14 -7.40 28.24
CA ARG A 362 -25.55 -8.57 27.47
C ARG A 362 -24.68 -8.69 26.22
N VAL A 363 -24.14 -9.88 25.96
CA VAL A 363 -23.23 -10.06 24.83
C VAL A 363 -23.66 -11.25 23.98
N VAL A 364 -23.71 -11.03 22.69
CA VAL A 364 -24.19 -12.02 21.73
C VAL A 364 -23.04 -12.34 20.77
N ARG A 365 -22.82 -13.63 20.53
CA ARG A 365 -21.81 -14.08 19.57
C ARG A 365 -22.44 -14.13 18.19
N ARG A 366 -21.71 -13.62 17.20
CA ARG A 366 -22.23 -13.64 15.84
C ARG A 366 -22.31 -15.06 15.29
N ASP A 367 -21.35 -15.92 15.64
CA ASP A 367 -21.23 -17.21 14.98
C ASP A 367 -22.36 -18.17 15.38
N THR A 368 -22.62 -18.32 16.68
CA THR A 368 -23.68 -19.21 17.13
C THR A 368 -24.98 -18.49 17.52
N GLY A 369 -24.91 -17.22 17.92
CA GLY A 369 -26.05 -16.54 18.46
C GLY A 369 -26.19 -16.61 19.96
N GLU A 370 -25.34 -17.37 20.65
CA GLU A 370 -25.49 -17.57 22.09
C GLU A 370 -25.21 -16.27 22.83
N ALA A 371 -26.01 -16.00 23.85
CA ALA A 371 -25.95 -14.76 24.62
C ALA A 371 -25.40 -15.02 26.03
N TYR A 372 -24.80 -13.98 26.61
CA TYR A 372 -24.18 -14.09 27.91
C TYR A 372 -24.43 -12.82 28.70
N GLN A 373 -24.64 -12.98 30.02
CA GLN A 373 -24.71 -11.86 30.94
C GLN A 373 -23.39 -11.79 31.69
N ILE A 374 -22.63 -10.73 31.48
CA ILE A 374 -21.27 -10.65 31.99
C ILE A 374 -21.16 -9.42 32.87
N SER A 375 -20.58 -9.59 34.06
CA SER A 375 -20.25 -8.46 34.91
C SER A 375 -19.24 -7.54 34.21
N TRP A 376 -19.29 -6.26 34.56
CA TRP A 376 -18.34 -5.31 33.97
C TRP A 376 -16.90 -5.67 34.32
N ALA A 377 -16.64 -6.04 35.58
CA ALA A 377 -15.29 -6.41 36.00
C ALA A 377 -14.76 -7.60 35.21
N ASP A 378 -15.66 -8.48 34.76
CA ASP A 378 -15.29 -9.68 34.03
C ASP A 378 -15.25 -9.50 32.52
N LEU A 379 -15.58 -8.31 32.04
CA LEU A 379 -15.82 -8.14 30.61
C LEU A 379 -14.56 -8.42 29.79
N ALA A 380 -13.45 -7.76 30.12
CA ALA A 380 -12.22 -7.95 29.35
C ALA A 380 -11.80 -9.41 29.24
N PRO A 381 -11.61 -10.15 30.34
CA PRO A 381 -11.15 -11.54 30.18
C PRO A 381 -12.15 -12.42 29.46
N LYS A 382 -13.45 -12.27 29.75
CA LYS A 382 -14.40 -13.18 29.14
C LYS A 382 -14.58 -12.88 27.67
N LEU A 383 -14.50 -11.62 27.26
CA LEU A 383 -14.54 -11.33 25.82
C LEU A 383 -13.28 -11.82 25.15
N LEU A 384 -12.12 -11.74 25.82
CA LEU A 384 -10.93 -12.35 25.21
C LEU A 384 -11.16 -13.84 25.01
N GLU A 385 -11.79 -14.49 25.97
CA GLU A 385 -11.95 -15.93 25.84
C GLU A 385 -12.96 -16.27 24.75
N LEU A 386 -14.09 -15.56 24.71
CA LEU A 386 -15.09 -15.81 23.69
C LEU A 386 -14.52 -15.54 22.30
N MET A 387 -13.70 -14.51 22.16
CA MET A 387 -13.10 -14.27 20.84
C MET A 387 -12.18 -15.41 20.43
N GLU A 388 -11.34 -15.90 21.36
CA GLU A 388 -10.49 -17.03 20.96
C GLU A 388 -11.32 -18.26 20.65
N GLY A 389 -12.46 -18.40 21.34
CA GLY A 389 -13.33 -19.53 21.07
C GLY A 389 -14.00 -19.43 19.72
N ILE A 390 -14.45 -18.22 19.36
CA ILE A 390 -15.09 -18.01 18.06
C ILE A 390 -14.11 -18.29 16.94
N GLN A 391 -12.89 -17.76 17.08
CA GLN A 391 -11.87 -18.02 16.07
C GLN A 391 -11.65 -19.53 15.91
N ARG A 392 -11.51 -20.23 17.04
CA ARG A 392 -11.24 -21.66 16.95
C ARG A 392 -12.43 -22.41 16.38
N SER A 393 -13.66 -21.98 16.66
CA SER A 393 -14.82 -22.74 16.17
C SER A 393 -15.01 -22.54 14.68
N LEU A 394 -14.83 -21.31 14.21
CA LEU A 394 -14.81 -21.08 12.78
C LEU A 394 -13.85 -22.04 12.12
N PHE A 395 -12.60 -22.07 12.62
CA PHE A 395 -11.61 -22.94 12.01
C PHE A 395 -12.03 -24.41 12.07
N GLU A 396 -12.43 -24.89 13.24
CA GLU A 396 -12.64 -26.33 13.39
C GLU A 396 -13.81 -26.80 12.57
N LYS A 397 -14.89 -26.00 12.51
CA LYS A 397 -16.03 -26.38 11.68
C LYS A 397 -15.64 -26.40 10.20
N ALA A 398 -14.89 -25.41 9.74
CA ALA A 398 -14.48 -25.45 8.34
C ALA A 398 -13.52 -26.61 8.05
N LYS A 399 -12.63 -26.94 8.99
CA LYS A 399 -11.73 -28.07 8.78
C LYS A 399 -12.49 -29.38 8.70
N ALA A 400 -13.51 -29.54 9.55
CA ALA A 400 -14.38 -30.70 9.45
C ALA A 400 -15.05 -30.77 8.07
N ARG A 401 -15.57 -29.64 7.59
CA ARG A 401 -16.20 -29.66 6.28
C ARG A 401 -15.18 -29.99 5.19
N LEU A 402 -13.93 -29.56 5.34
CA LEU A 402 -12.91 -29.91 4.36
C LEU A 402 -12.61 -31.41 4.40
N HIS A 403 -12.52 -31.97 5.60
CA HIS A 403 -12.27 -33.41 5.73
C HIS A 403 -13.36 -34.21 5.04
N GLU A 404 -14.63 -33.83 5.27
CA GLU A 404 -15.73 -34.60 4.67
C GLU A 404 -15.95 -34.25 3.20
N GLY A 405 -15.30 -33.23 2.68
CA GLY A 405 -15.36 -32.98 1.26
C GLY A 405 -14.38 -33.75 0.40
N ILE A 406 -13.50 -34.58 0.98
CA ILE A 406 -12.49 -35.30 0.21
C ILE A 406 -12.78 -36.79 0.28
N GLU A 407 -12.82 -37.43 -0.88
CA GLU A 407 -12.96 -38.87 -1.02
C GLU A 407 -11.64 -39.45 -1.54
N LYS A 408 -11.12 -40.45 -0.85
CA LYS A 408 -9.96 -41.19 -1.30
C LYS A 408 -10.43 -42.33 -2.19
N ILE A 409 -10.05 -42.31 -3.47
CA ILE A 409 -10.48 -43.34 -4.40
C ILE A 409 -9.25 -44.10 -4.88
N SER A 410 -9.51 -45.18 -5.64
CA SER A 410 -8.44 -45.96 -6.23
C SER A 410 -8.61 -46.21 -7.72
N THR A 411 -9.82 -46.13 -8.26
CA THR A 411 -10.04 -46.37 -9.69
C THR A 411 -10.91 -45.25 -10.24
N PHE A 412 -10.84 -45.09 -11.57
CA PHE A 412 -11.52 -43.98 -12.23
C PHE A 412 -13.03 -44.08 -12.15
N ASP A 413 -13.59 -45.29 -12.02
CA ASP A 413 -15.05 -45.41 -11.97
C ASP A 413 -15.64 -44.63 -10.81
N GLU A 414 -14.88 -44.46 -9.72
CA GLU A 414 -15.35 -43.73 -8.55
C GLU A 414 -15.33 -42.21 -8.74
N VAL A 415 -14.74 -41.72 -9.83
CA VAL A 415 -14.56 -40.29 -9.97
C VAL A 415 -15.91 -39.59 -10.09
N MET A 416 -16.69 -39.91 -11.13
CA MET A 416 -17.90 -39.13 -11.39
C MET A 416 -18.92 -39.18 -10.25
N PRO A 417 -19.11 -40.30 -9.53
CA PRO A 417 -19.95 -40.22 -8.31
C PRO A 417 -19.44 -39.19 -7.31
N ALA A 418 -18.17 -39.28 -6.94
CA ALA A 418 -17.57 -38.32 -6.01
C ALA A 418 -17.74 -36.89 -6.50
N LEU A 419 -17.45 -36.66 -7.78
CA LEU A 419 -17.57 -35.30 -8.32
C LEU A 419 -19.00 -34.78 -8.21
N ASN A 420 -20.00 -35.67 -8.30
CA ASN A 420 -21.39 -35.25 -8.21
C ASN A 420 -21.89 -35.14 -6.78
N ARG A 421 -21.20 -35.72 -5.82
CA ARG A 421 -21.44 -35.40 -4.44
C ARG A 421 -20.78 -34.09 -4.03
N LYS A 422 -20.34 -33.30 -5.02
CA LYS A 422 -19.65 -32.04 -4.78
C LYS A 422 -18.39 -32.25 -3.94
N HIS A 423 -17.62 -33.27 -4.29
CA HIS A 423 -16.43 -33.62 -3.52
C HIS A 423 -15.16 -33.54 -4.36
N LEU A 424 -14.03 -33.41 -3.66
CA LEU A 424 -12.69 -33.61 -4.21
C LEU A 424 -12.33 -35.10 -4.17
N VAL A 425 -11.36 -35.48 -5.01
CA VAL A 425 -10.89 -36.85 -5.02
C VAL A 425 -9.39 -36.87 -4.78
N LEU A 426 -8.95 -37.69 -3.82
CA LEU A 426 -7.54 -37.98 -3.60
C LEU A 426 -7.26 -39.35 -4.21
N ALA A 427 -6.41 -39.39 -5.24
CA ALA A 427 -6.29 -40.61 -6.04
C ALA A 427 -4.83 -40.87 -6.36
N PRO A 428 -4.45 -42.14 -6.51
CA PRO A 428 -3.06 -42.47 -6.85
C PRO A 428 -2.79 -42.18 -8.32
N TRP A 429 -1.79 -41.39 -8.65
CA TRP A 429 -1.51 -40.99 -10.01
C TRP A 429 -0.11 -41.18 -10.47
N CYS A 430 0.08 -41.53 -11.72
CA CYS A 430 1.36 -41.73 -12.29
C CYS A 430 2.11 -40.50 -12.69
N GLU A 431 1.49 -39.35 -12.63
CA GLU A 431 2.06 -38.08 -12.98
C GLU A 431 2.57 -37.93 -14.40
N ASP A 432 1.88 -38.48 -15.37
CA ASP A 432 2.28 -38.29 -16.72
C ASP A 432 1.58 -37.05 -17.21
N PRO A 433 2.27 -36.16 -17.85
CA PRO A 433 1.62 -34.88 -18.21
C PRO A 433 0.43 -35.03 -19.15
N GLU A 434 0.50 -35.92 -20.14
CA GLU A 434 -0.64 -36.09 -21.04
C GLU A 434 -1.87 -36.60 -20.32
N SER A 435 -1.67 -37.43 -19.29
CA SER A 435 -2.80 -37.99 -18.56
C SER A 435 -3.67 -36.90 -17.94
N GLU A 436 -3.09 -35.73 -17.59
CA GLU A 436 -3.91 -34.71 -16.95
C GLU A 436 -4.89 -34.08 -17.94
N GLU A 437 -4.43 -33.79 -19.17
CA GLU A 437 -5.35 -33.26 -20.17
C GLU A 437 -6.38 -34.31 -20.59
N GLN A 438 -5.96 -35.57 -20.71
CA GLN A 438 -6.92 -36.63 -20.98
C GLN A 438 -8.01 -36.67 -19.93
N ILE A 439 -7.63 -36.63 -18.65
CA ILE A 439 -8.58 -36.72 -17.55
C ILE A 439 -9.52 -35.52 -17.57
N LYS A 440 -8.96 -34.33 -17.88
CA LYS A 440 -9.78 -33.13 -17.98
C LYS A 440 -10.89 -33.29 -19.02
N LYS A 441 -10.52 -33.76 -20.21
CA LYS A 441 -11.51 -33.85 -21.28
C LYS A 441 -12.52 -34.96 -21.00
N GLU A 442 -12.06 -36.12 -20.53
CA GLU A 442 -13.00 -37.18 -20.19
C GLU A 442 -14.00 -36.71 -19.14
N THR A 443 -13.50 -36.01 -18.11
CA THR A 443 -14.40 -35.63 -17.02
C THR A 443 -15.40 -34.57 -17.48
N GLN A 444 -15.00 -33.65 -18.36
CA GLN A 444 -16.00 -32.68 -18.81
C GLN A 444 -17.07 -33.35 -19.68
N LYS A 445 -16.63 -34.19 -20.61
CA LYS A 445 -17.56 -34.94 -21.43
C LYS A 445 -18.59 -35.67 -20.57
N LEU A 446 -18.14 -36.34 -19.51
CA LEU A 446 -19.10 -37.05 -18.66
C LEU A 446 -19.87 -36.08 -17.76
N SER A 447 -19.31 -34.90 -17.48
CA SER A 447 -20.02 -33.90 -16.69
C SER A 447 -21.35 -33.56 -17.34
N GLU A 448 -21.34 -33.47 -18.68
CA GLU A 448 -22.59 -33.15 -19.38
C GLU A 448 -23.64 -34.26 -19.27
N ILE A 449 -23.23 -35.53 -19.27
CA ILE A 449 -24.18 -36.66 -19.33
C ILE A 449 -24.69 -37.10 -17.95
N THR A 462 -15.59 -26.12 -17.39
CA THR A 462 -16.42 -25.81 -16.24
C THR A 462 -16.90 -27.03 -15.53
N GLY A 463 -16.80 -28.19 -16.12
CA GLY A 463 -17.19 -29.39 -15.42
C GLY A 463 -16.02 -30.30 -15.21
N ALA A 464 -14.88 -29.93 -15.77
CA ALA A 464 -13.66 -30.65 -15.75
C ALA A 464 -12.98 -30.73 -14.44
N MET A 465 -12.33 -31.83 -14.23
CA MET A 465 -11.60 -32.07 -13.04
C MET A 465 -10.17 -31.94 -13.38
N LYS A 466 -9.45 -31.12 -12.65
CA LYS A 466 -8.02 -30.91 -12.85
C LYS A 466 -7.24 -31.25 -11.57
N THR A 467 -5.90 -31.21 -11.63
CA THR A 467 -5.13 -31.36 -10.40
C THR A 467 -5.21 -30.06 -9.63
N LEU A 468 -5.60 -30.17 -8.35
CA LEU A 468 -5.42 -29.09 -7.42
C LEU A 468 -4.01 -29.10 -6.88
N CYS A 469 -3.59 -30.22 -6.29
CA CYS A 469 -2.24 -30.22 -5.73
C CYS A 469 -1.80 -31.65 -5.42
N ILE A 470 -0.48 -31.82 -5.30
CA ILE A 470 0.12 -33.05 -4.81
C ILE A 470 0.44 -32.81 -3.34
N PRO A 471 -0.35 -33.33 -2.40
CA PRO A 471 -0.19 -32.92 -1.01
C PRO A 471 1.18 -33.28 -0.47
N PHE A 472 1.76 -32.34 0.26
CA PHE A 472 2.94 -32.63 1.09
C PHE A 472 2.68 -33.82 1.99
N ASP A 473 1.48 -33.91 2.55
CA ASP A 473 1.10 -34.95 3.49
C ASP A 473 0.55 -36.11 2.67
N GLN A 474 1.41 -37.11 2.41
CA GLN A 474 1.10 -38.21 1.49
C GLN A 474 0.62 -39.44 2.24
N PRO A 475 -0.55 -39.98 1.92
CA PRO A 475 -0.93 -41.29 2.46
C PRO A 475 0.10 -42.33 2.05
N PRO A 476 0.15 -43.46 2.73
CA PRO A 476 1.09 -44.53 2.32
C PRO A 476 0.72 -45.09 0.96
N MET A 477 1.75 -45.50 0.21
CA MET A 477 1.53 -46.00 -1.15
C MET A 477 1.86 -47.48 -1.22
N PRO A 478 0.89 -48.37 -1.00
CA PRO A 478 1.19 -49.80 -1.05
C PRO A 478 1.89 -50.19 -2.34
N GLU A 479 2.72 -51.22 -2.25
CA GLU A 479 3.53 -51.63 -3.39
C GLU A 479 2.63 -52.15 -4.49
N GLY A 480 2.84 -51.68 -5.72
CA GLY A 480 2.04 -52.10 -6.83
C GLY A 480 0.77 -51.31 -7.06
N THR A 481 0.53 -50.24 -6.27
CA THR A 481 -0.63 -49.40 -6.52
C THR A 481 -0.59 -48.80 -7.91
N LYS A 482 -1.67 -49.03 -8.66
CA LYS A 482 -1.78 -48.54 -10.03
C LYS A 482 -2.34 -47.13 -10.08
N CYS A 483 -1.91 -46.39 -11.09
CA CYS A 483 -2.51 -45.11 -11.41
C CYS A 483 -4.01 -45.29 -11.60
N PHE A 484 -4.81 -44.35 -11.06
CA PHE A 484 -6.27 -44.48 -11.11
C PHE A 484 -6.82 -44.33 -12.52
N TYR A 485 -6.02 -43.85 -13.46
CA TYR A 485 -6.51 -43.61 -14.81
C TYR A 485 -5.72 -44.38 -15.86
N THR A 486 -4.39 -44.36 -15.80
CA THR A 486 -3.61 -45.06 -16.82
C THR A 486 -3.34 -46.51 -16.50
N GLY A 487 -3.39 -46.91 -15.23
CA GLY A 487 -2.99 -48.25 -14.85
C GLY A 487 -1.50 -48.46 -14.71
N LYS A 488 -0.68 -47.50 -15.11
CA LYS A 488 0.74 -47.56 -14.83
C LYS A 488 0.97 -47.44 -13.33
N PRO A 489 2.17 -47.76 -12.85
CA PRO A 489 2.45 -47.59 -11.42
C PRO A 489 2.18 -46.16 -10.94
N ALA A 490 1.54 -46.06 -9.77
CA ALA A 490 1.26 -44.74 -9.20
C ALA A 490 2.51 -44.16 -8.54
N LYS A 491 2.86 -42.93 -8.90
CA LYS A 491 3.96 -42.30 -8.21
C LYS A 491 3.51 -41.68 -6.89
N ARG A 492 2.47 -40.84 -6.89
CA ARG A 492 2.08 -40.19 -5.64
C ARG A 492 0.56 -40.05 -5.52
N TRP A 493 0.10 -39.73 -4.33
CA TRP A 493 -1.30 -39.38 -4.14
C TRP A 493 -1.51 -37.94 -4.62
N THR A 494 -2.58 -37.72 -5.38
CA THR A 494 -2.85 -36.39 -5.90
C THR A 494 -4.29 -35.97 -5.59
N LEU A 495 -4.46 -34.70 -5.28
CA LEU A 495 -5.75 -34.10 -5.00
C LEU A 495 -6.27 -33.45 -6.29
N TRP A 496 -7.35 -34.03 -6.82
CA TRP A 496 -8.10 -33.58 -8.00
C TRP A 496 -9.46 -33.00 -7.62
N GLY A 497 -9.96 -32.09 -8.44
CA GLY A 497 -11.29 -31.58 -8.18
C GLY A 497 -11.77 -30.71 -9.32
N ARG A 498 -13.03 -30.30 -9.22
CA ARG A 498 -13.47 -29.17 -10.02
C ARG A 498 -13.02 -27.91 -9.31
N SER A 499 -12.76 -26.86 -10.07
CA SER A 499 -11.94 -25.79 -9.54
C SER A 499 -12.44 -24.44 -10.05
N TYR A 500 -11.94 -23.40 -9.41
CA TYR A 500 -12.15 -22.02 -9.86
C TYR A 500 -11.12 -21.63 -10.94
N MET B 3 30.59 8.19 -5.56
CA MET B 3 30.90 9.55 -5.10
C MET B 3 30.27 10.67 -5.99
N VAL B 4 29.76 11.72 -5.34
CA VAL B 4 29.09 12.83 -6.03
C VAL B 4 30.13 13.87 -6.44
N THR B 5 30.26 14.11 -7.76
CA THR B 5 31.25 15.07 -8.26
C THR B 5 30.66 16.48 -8.42
N ALA B 6 29.43 16.61 -8.93
CA ALA B 6 28.83 17.92 -9.13
C ALA B 6 28.50 18.57 -7.79
N LYS B 7 28.72 19.89 -7.70
CA LYS B 7 28.50 20.62 -6.47
C LYS B 7 27.10 21.23 -6.46
N LYS B 8 26.45 21.14 -5.29
CA LYS B 8 25.00 21.34 -5.22
C LYS B 8 24.58 22.74 -5.62
N ASP B 9 25.40 23.72 -5.37
CA ASP B 9 25.02 25.05 -5.75
C ASP B 9 25.56 25.52 -7.07
N GLU B 10 26.61 24.93 -7.56
CA GLU B 10 27.05 25.24 -8.87
C GLU B 10 26.22 24.61 -9.97
N ASN B 11 25.93 23.33 -9.84
CA ASN B 11 25.19 22.61 -10.84
C ASN B 11 24.15 21.70 -10.23
N PHE B 12 23.04 22.26 -9.85
CA PHE B 12 22.00 21.55 -9.13
C PHE B 12 21.35 20.35 -9.76
N SER B 13 21.02 20.43 -11.02
CA SER B 13 20.40 19.36 -11.70
C SER B 13 21.31 18.19 -11.78
N GLU B 14 22.57 18.41 -12.05
CA GLU B 14 23.48 17.31 -12.14
C GLU B 14 23.69 16.74 -10.78
N TRP B 15 23.79 17.61 -9.79
CA TRP B 15 23.90 17.15 -8.41
C TRP B 15 22.74 16.23 -8.05
N TYR B 16 21.52 16.66 -8.35
CA TYR B 16 20.33 15.89 -8.00
C TYR B 16 20.38 14.50 -8.62
N THR B 17 20.68 14.44 -9.92
CA THR B 17 20.72 13.14 -10.59
C THR B 17 21.79 12.23 -9.97
N GLN B 18 23.03 12.73 -9.89
CA GLN B 18 24.12 11.96 -9.29
C GLN B 18 23.74 11.42 -7.92
N ALA B 19 23.17 12.29 -7.08
CA ALA B 19 22.87 11.91 -5.71
C ALA B 19 21.82 10.82 -5.64
N ILE B 20 20.72 10.97 -6.37
CA ILE B 20 19.69 9.95 -6.20
C ILE B 20 20.10 8.61 -6.81
N VAL B 21 21.05 8.58 -7.73
CA VAL B 21 21.43 7.28 -8.28
C VAL B 21 22.52 6.62 -7.46
N ARG B 22 23.57 7.37 -7.11
CA ARG B 22 24.61 6.82 -6.26
C ARG B 22 24.12 6.49 -4.86
N SER B 23 23.01 7.08 -4.42
CA SER B 23 22.41 6.73 -3.14
C SER B 23 21.66 5.41 -3.15
N GLU B 24 21.53 4.77 -4.33
CA GLU B 24 20.76 3.53 -4.49
C GLU B 24 19.29 3.74 -4.11
N MET B 25 18.76 4.93 -4.40
CA MET B 25 17.35 5.22 -4.15
C MET B 25 16.46 4.75 -5.30
N ILE B 26 16.81 5.12 -6.52
CA ILE B 26 16.03 4.73 -7.69
C ILE B 26 16.91 3.89 -8.60
N GLU B 27 16.25 3.18 -9.52
CA GLU B 27 16.88 2.46 -10.61
C GLU B 27 16.17 2.83 -11.90
N TYR B 28 16.93 2.85 -12.99
CA TYR B 28 16.42 3.18 -14.30
C TYR B 28 15.61 2.04 -14.89
N TYR B 29 14.97 2.34 -16.01
CA TYR B 29 13.95 1.47 -16.58
C TYR B 29 13.86 1.77 -18.07
N ASP B 30 13.53 0.75 -18.86
CA ASP B 30 13.56 0.88 -20.32
C ASP B 30 12.32 1.56 -20.90
N ILE B 31 11.41 2.05 -20.07
CA ILE B 31 10.28 2.85 -20.51
C ILE B 31 10.43 4.24 -19.92
N SER B 32 10.50 5.24 -20.79
CA SER B 32 10.88 6.58 -20.37
C SER B 32 9.96 7.13 -19.30
N GLY B 33 10.50 8.02 -18.49
CA GLY B 33 9.71 8.61 -17.42
C GLY B 33 9.34 7.69 -16.28
N CYS B 34 9.86 6.46 -16.25
CA CYS B 34 9.54 5.50 -15.20
C CYS B 34 10.79 5.16 -14.42
N TYR B 35 10.63 5.02 -13.10
CA TYR B 35 11.75 4.74 -12.22
C TYR B 35 11.37 3.71 -11.16
N ILE B 36 12.24 2.73 -10.96
CA ILE B 36 12.11 1.78 -9.87
C ILE B 36 12.45 2.47 -8.55
N MET B 37 11.59 2.33 -7.56
CA MET B 37 11.88 2.81 -6.21
C MET B 37 12.51 1.69 -5.39
N ARG B 38 13.81 1.81 -5.15
CA ARG B 38 14.48 0.80 -4.34
C ARG B 38 14.20 1.02 -2.87
N PRO B 39 14.47 0.01 -2.01
CA PRO B 39 14.12 0.13 -0.58
C PRO B 39 14.66 1.37 0.14
N TRP B 40 15.80 1.92 -0.28
CA TRP B 40 16.34 3.06 0.43
C TRP B 40 15.44 4.29 0.32
N ALA B 41 14.65 4.40 -0.75
CA ALA B 41 13.61 5.41 -0.88
C ALA B 41 12.23 4.91 -0.45
N PHE B 42 11.90 3.67 -0.82
CA PHE B 42 10.55 3.20 -0.52
C PHE B 42 10.32 3.12 0.98
N HIS B 43 11.37 2.87 1.78
CA HIS B 43 11.17 2.85 3.22
C HIS B 43 10.69 4.20 3.73
N ILE B 44 11.19 5.28 3.13
CA ILE B 44 10.76 6.63 3.49
C ILE B 44 9.29 6.83 3.16
N TRP B 45 8.90 6.35 1.97
CA TRP B 45 7.48 6.36 1.64
C TRP B 45 6.68 5.57 2.67
N GLU B 46 7.18 4.41 3.09
CA GLU B 46 6.47 3.60 4.06
C GLU B 46 6.25 4.39 5.34
N LYS B 47 7.25 5.17 5.75
CA LYS B 47 7.15 5.82 7.06
C LYS B 47 6.17 6.98 7.03
N VAL B 48 6.26 7.84 6.00
CA VAL B 48 5.30 8.93 5.95
C VAL B 48 3.89 8.39 5.68
N GLN B 49 3.80 7.27 4.94
CA GLN B 49 2.49 6.66 4.71
C GLN B 49 1.88 6.17 6.00
N ARG B 50 2.65 5.44 6.81
CA ARG B 50 2.14 4.97 8.09
C ARG B 50 1.71 6.13 8.97
N PHE B 51 2.53 7.19 9.04
CA PHE B 51 2.16 8.34 9.87
C PHE B 51 0.84 8.96 9.42
N PHE B 52 0.75 9.33 8.15
CA PHE B 52 -0.45 9.99 7.66
C PHE B 52 -1.66 9.08 7.78
N ASP B 53 -1.48 7.78 7.52
CA ASP B 53 -2.60 6.84 7.59
C ASP B 53 -3.12 6.74 9.02
N ASP B 54 -2.21 6.72 10.01
CA ASP B 54 -2.65 6.67 11.39
C ASP B 54 -3.46 7.91 11.74
N GLU B 55 -2.99 9.07 11.28
CA GLU B 55 -3.69 10.30 11.65
C GLU B 55 -5.05 10.40 10.96
N ILE B 56 -5.15 10.07 9.66
CA ILE B 56 -6.46 10.19 9.05
C ILE B 56 -7.40 9.12 9.57
N LYS B 57 -6.86 7.97 10.04
CA LYS B 57 -7.76 7.00 10.63
C LYS B 57 -8.35 7.53 11.94
N LYS B 58 -7.58 8.32 12.70
CA LYS B 58 -8.16 8.95 13.88
C LYS B 58 -9.33 9.88 13.53
N MET B 59 -9.35 10.41 12.31
CA MET B 59 -10.36 11.33 11.84
C MET B 59 -11.59 10.62 11.30
N GLY B 60 -11.58 9.30 11.19
CA GLY B 60 -12.71 8.60 10.61
C GLY B 60 -12.59 8.33 9.14
N VAL B 61 -11.45 8.66 8.53
CA VAL B 61 -11.24 8.35 7.13
C VAL B 61 -10.86 6.89 7.01
N GLU B 62 -11.49 6.20 6.07
CA GLU B 62 -11.24 4.78 5.82
C GLU B 62 -10.76 4.56 4.40
N ASN B 63 -9.89 3.57 4.24
CA ASN B 63 -9.26 3.32 2.95
C ASN B 63 -10.17 2.50 2.06
N SER B 64 -9.94 2.64 0.76
CA SER B 64 -10.75 1.92 -0.22
C SER B 64 -9.87 1.65 -1.43
N TYR B 65 -10.44 0.91 -2.38
CA TYR B 65 -9.76 0.70 -3.65
C TYR B 65 -10.77 0.75 -4.78
N PHE B 66 -10.54 1.64 -5.73
CA PHE B 66 -11.33 1.78 -6.94
C PHE B 66 -10.55 1.28 -8.15
N PRO B 67 -11.19 0.62 -9.11
CA PRO B 67 -10.43 0.04 -10.21
C PRO B 67 -9.71 1.12 -11.00
N MET B 68 -8.72 0.70 -11.78
CA MET B 68 -7.91 1.65 -12.52
C MET B 68 -8.43 1.95 -13.92
N PHE B 69 -9.55 1.34 -14.33
CA PHE B 69 -10.08 1.46 -15.69
C PHE B 69 -11.41 2.21 -15.69
N VAL B 70 -11.73 2.79 -16.86
CA VAL B 70 -12.97 3.55 -17.08
C VAL B 70 -13.48 3.24 -18.49
N SER B 71 -14.77 3.25 -18.68
CA SER B 71 -15.31 2.94 -19.97
C SER B 71 -15.39 4.13 -20.85
N ARG B 72 -15.97 3.92 -22.02
CA ARG B 72 -16.16 4.97 -23.01
C ARG B 72 -17.03 6.08 -22.46
N HIS B 73 -18.04 5.77 -21.67
CA HIS B 73 -18.86 6.81 -21.11
C HIS B 73 -18.09 7.54 -20.01
N LYS B 74 -17.30 8.53 -20.42
CA LYS B 74 -16.40 9.27 -19.58
C LYS B 74 -16.70 10.75 -19.53
N PRO B 87 -10.84 11.99 -25.59
CA PRO B 87 -10.19 12.49 -24.38
C PRO B 87 -8.75 12.09 -24.44
N GLU B 88 -7.86 12.86 -23.84
CA GLU B 88 -6.45 12.51 -23.90
C GLU B 88 -6.15 11.51 -22.83
N VAL B 89 -6.43 10.27 -23.14
CA VAL B 89 -6.28 9.25 -22.22
C VAL B 89 -5.76 8.01 -22.88
N ALA B 90 -5.18 7.12 -22.09
CA ALA B 90 -4.55 5.90 -22.55
C ALA B 90 -5.58 4.79 -22.74
N TRP B 91 -5.64 4.24 -23.95
CA TRP B 91 -6.62 3.20 -24.27
C TRP B 91 -5.97 1.80 -24.22
N VAL B 92 -6.61 0.91 -23.48
CA VAL B 92 -6.28 -0.50 -23.53
C VAL B 92 -7.23 -1.13 -24.55
N THR B 93 -6.68 -1.67 -25.62
CA THR B 93 -7.50 -2.12 -26.73
C THR B 93 -7.36 -3.61 -27.04
N HIS B 94 -6.39 -4.30 -26.45
CA HIS B 94 -6.23 -5.73 -26.70
C HIS B 94 -5.87 -6.45 -25.41
N TYR B 95 -6.22 -7.73 -25.37
CA TYR B 95 -5.71 -8.66 -24.38
C TYR B 95 -5.14 -9.83 -25.16
N GLY B 96 -3.88 -10.18 -24.89
CA GLY B 96 -3.18 -11.06 -25.80
C GLY B 96 -3.20 -10.45 -27.19
N ASP B 97 -3.52 -11.25 -28.20
CA ASP B 97 -3.73 -10.71 -29.52
C ASP B 97 -5.19 -10.40 -29.83
N SER B 98 -6.09 -10.71 -28.92
CA SER B 98 -7.50 -10.46 -29.14
C SER B 98 -7.84 -8.99 -28.89
N PRO B 99 -8.65 -8.37 -29.74
CA PRO B 99 -9.17 -7.02 -29.42
C PRO B 99 -10.34 -7.08 -28.46
N LEU B 100 -10.41 -6.08 -27.58
CA LEU B 100 -11.51 -6.01 -26.63
C LEU B 100 -12.80 -5.63 -27.35
N PRO B 101 -13.96 -6.10 -26.84
CA PRO B 101 -15.24 -5.63 -27.42
C PRO B 101 -15.31 -4.12 -27.50
N GLU B 102 -15.05 -3.44 -26.39
CA GLU B 102 -14.97 -2.00 -26.32
C GLU B 102 -13.63 -1.62 -25.71
N LYS B 103 -12.94 -0.66 -26.32
CA LYS B 103 -11.73 -0.12 -25.72
C LYS B 103 -12.04 0.42 -24.34
N ILE B 104 -11.12 0.22 -23.40
CA ILE B 104 -11.23 0.83 -22.08
C ILE B 104 -10.03 1.73 -21.85
N ALA B 105 -10.18 2.61 -20.87
CA ALA B 105 -9.20 3.65 -20.64
C ALA B 105 -8.60 3.48 -19.26
N ILE B 106 -7.43 3.99 -19.08
CA ILE B 106 -6.88 3.97 -17.81
C ILE B 106 -7.34 5.26 -17.28
N ARG B 107 -8.03 5.27 -16.17
CA ARG B 107 -8.58 6.49 -15.64
C ARG B 107 -7.62 7.61 -15.39
N PRO B 108 -7.97 8.79 -15.86
CA PRO B 108 -7.32 10.08 -15.74
C PRO B 108 -7.35 10.63 -14.37
N THR B 109 -8.52 10.54 -13.79
CA THR B 109 -8.82 11.02 -12.47
C THR B 109 -9.59 10.03 -11.72
N SER B 110 -9.70 10.24 -10.44
CA SER B 110 -10.45 9.32 -9.66
C SER B 110 -11.81 9.82 -9.44
N GLU B 111 -11.95 11.14 -9.46
CA GLU B 111 -13.24 11.81 -9.38
C GLU B 111 -14.26 11.10 -10.26
N THR B 112 -13.89 10.75 -11.49
CA THR B 112 -14.84 10.13 -12.39
C THR B 112 -15.37 8.81 -12.01
N ILE B 113 -14.64 8.04 -11.25
CA ILE B 113 -15.16 6.74 -10.80
C ILE B 113 -15.83 6.86 -9.44
N MET B 114 -15.20 7.59 -8.52
CA MET B 114 -15.72 7.66 -7.16
C MET B 114 -17.05 8.41 -7.12
N TYR B 115 -17.19 9.48 -7.89
CA TYR B 115 -18.33 10.33 -7.56
C TYR B 115 -19.67 9.72 -7.98
N PRO B 116 -19.78 8.97 -9.08
CA PRO B 116 -21.04 8.22 -9.28
C PRO B 116 -21.33 7.28 -8.13
N ALA B 117 -20.29 6.59 -7.63
CA ALA B 117 -20.46 5.72 -6.48
C ALA B 117 -20.97 6.48 -5.26
N TYR B 118 -20.41 7.66 -5.01
CA TYR B 118 -20.89 8.53 -3.94
C TYR B 118 -22.37 8.88 -4.13
N ALA B 119 -22.76 9.25 -5.36
CA ALA B 119 -24.15 9.58 -5.62
C ALA B 119 -25.07 8.42 -5.30
N LYS B 120 -24.60 7.18 -5.51
CA LYS B 120 -25.36 6.00 -5.11
C LYS B 120 -25.43 5.86 -3.59
N TRP B 121 -24.28 5.91 -2.91
CA TRP B 121 -24.21 5.60 -1.49
C TRP B 121 -24.83 6.66 -0.58
N ILE B 122 -25.07 7.87 -1.08
CA ILE B 122 -25.56 8.97 -0.25
C ILE B 122 -27.01 9.22 -0.62
N ARG B 123 -27.92 9.00 0.33
CA ARG B 123 -29.36 9.19 0.19
C ARG B 123 -29.94 10.14 1.22
N SER B 124 -29.46 10.05 2.46
CA SER B 124 -30.03 10.76 3.59
C SER B 124 -28.91 11.43 4.37
N HIS B 125 -29.27 12.38 5.23
CA HIS B 125 -28.29 13.01 6.11
C HIS B 125 -27.60 12.02 7.03
N ARG B 126 -28.24 10.87 7.34
CA ARG B 126 -27.60 9.85 8.17
C ARG B 126 -26.31 9.33 7.52
N ASP B 127 -26.21 9.45 6.20
CA ASP B 127 -25.12 8.88 5.41
C ASP B 127 -23.87 9.75 5.43
N LEU B 128 -23.94 10.92 6.00
CA LEU B 128 -22.86 11.87 6.00
C LEU B 128 -22.35 12.08 7.42
N PRO B 129 -21.06 12.40 7.60
CA PRO B 129 -20.10 12.55 6.50
C PRO B 129 -19.58 11.23 5.95
N LEU B 130 -19.28 11.20 4.65
CA LEU B 130 -18.60 10.07 4.03
C LEU B 130 -17.14 10.46 3.81
N LYS B 131 -16.20 9.59 4.22
CA LYS B 131 -14.77 9.93 4.27
C LYS B 131 -13.95 8.77 3.74
N LEU B 132 -13.36 8.90 2.54
CA LEU B 132 -12.62 7.79 1.94
C LEU B 132 -11.22 8.23 1.54
N ASN B 133 -10.28 7.32 1.63
CA ASN B 133 -8.93 7.58 1.17
C ASN B 133 -8.47 6.39 0.33
N GLN B 134 -7.54 6.66 -0.59
CA GLN B 134 -6.99 5.65 -1.48
C GLN B 134 -5.47 5.85 -1.56
N TRP B 135 -4.71 4.78 -1.30
CA TRP B 135 -3.27 4.76 -1.57
C TRP B 135 -3.05 4.04 -2.89
N CYS B 136 -2.52 4.74 -3.88
CA CYS B 136 -2.32 4.01 -5.12
C CYS B 136 -1.28 4.73 -5.94
N SER B 137 -1.11 4.25 -7.16
CA SER B 137 -0.19 4.87 -8.08
C SER B 137 -1.01 5.56 -9.16
N VAL B 138 -0.44 6.65 -9.68
CA VAL B 138 -1.03 7.49 -10.70
C VAL B 138 -0.14 7.48 -11.93
N VAL B 139 -0.79 7.46 -13.10
CA VAL B 139 -0.15 7.54 -14.40
C VAL B 139 -0.43 8.92 -14.99
N ARG B 140 0.63 9.62 -15.40
CA ARG B 140 0.53 10.84 -16.18
C ARG B 140 1.30 10.63 -17.47
N TRP B 141 0.68 10.94 -18.60
CA TRP B 141 1.26 10.61 -19.90
C TRP B 141 2.12 11.71 -20.50
N GLU B 142 1.82 12.97 -20.23
CA GLU B 142 2.57 14.06 -20.81
C GLU B 142 3.48 14.59 -19.72
N PHE B 143 4.72 14.13 -19.73
CA PHE B 143 5.79 14.73 -18.98
C PHE B 143 6.80 15.26 -19.98
N LYS B 144 7.44 16.38 -19.63
CA LYS B 144 8.39 17.00 -20.55
C LYS B 144 9.75 16.35 -20.40
N GLN B 145 10.50 16.75 -19.38
CA GLN B 145 11.82 16.20 -19.14
C GLN B 145 11.80 15.40 -17.85
N PRO B 146 11.81 14.06 -17.91
CA PRO B 146 11.60 13.26 -16.70
C PRO B 146 12.72 13.45 -15.67
N THR B 147 12.32 13.42 -14.40
CA THR B 147 13.22 13.52 -13.28
C THR B 147 12.60 12.74 -12.12
N PRO B 148 13.36 11.87 -11.47
CA PRO B 148 12.82 11.07 -10.37
C PRO B 148 12.17 11.93 -9.30
N PHE B 149 11.00 11.47 -8.83
CA PHE B 149 10.19 12.12 -7.81
C PHE B 149 9.58 13.46 -8.23
N LEU B 150 10.10 14.12 -9.27
CA LEU B 150 9.60 15.45 -9.60
C LEU B 150 8.67 15.42 -10.81
N ARG B 151 9.17 14.94 -11.94
CA ARG B 151 8.43 14.92 -13.20
C ARG B 151 8.60 13.51 -13.77
N THR B 152 7.61 12.65 -13.51
CA THR B 152 7.70 11.22 -13.78
C THR B 152 6.37 10.72 -14.37
N ARG B 153 6.45 9.60 -15.11
CA ARG B 153 5.26 9.02 -15.75
C ARG B 153 4.35 8.31 -14.74
N GLU B 154 4.92 7.80 -13.65
CA GLU B 154 4.13 7.16 -12.63
C GLU B 154 4.64 7.62 -11.29
N PHE B 155 3.72 7.86 -10.37
CA PHE B 155 4.12 8.21 -9.01
C PHE B 155 3.13 7.59 -8.04
N LEU B 156 3.52 7.52 -6.78
CA LEU B 156 2.61 7.06 -5.75
C LEU B 156 2.00 8.26 -5.05
N TRP B 157 0.75 8.10 -4.60
CA TRP B 157 0.17 9.10 -3.71
C TRP B 157 -0.89 8.48 -2.83
N GLN B 158 -1.49 9.36 -2.07
CA GLN B 158 -2.72 9.10 -1.40
C GLN B 158 -3.65 10.20 -1.89
N GLU B 159 -4.89 9.87 -2.12
CA GLU B 159 -5.95 10.81 -2.44
C GLU B 159 -7.17 10.51 -1.60
N GLY B 160 -7.66 11.53 -0.89
CA GLY B 160 -8.83 11.39 -0.05
C GLY B 160 -9.95 12.29 -0.55
N HIS B 161 -11.19 11.84 -0.31
CA HIS B 161 -12.40 12.43 -0.85
C HIS B 161 -13.51 12.32 0.19
N THR B 162 -14.00 13.48 0.65
CA THR B 162 -15.04 13.50 1.66
C THR B 162 -16.27 14.28 1.18
N ALA B 163 -17.40 13.95 1.78
CA ALA B 163 -18.67 14.60 1.53
C ALA B 163 -19.32 14.91 2.88
N HIS B 164 -19.77 16.15 3.05
CA HIS B 164 -20.34 16.62 4.31
C HIS B 164 -21.66 17.33 4.09
N ALA B 165 -22.43 17.44 5.17
CA ALA B 165 -23.75 18.08 5.09
C ALA B 165 -23.65 19.59 4.99
N THR B 166 -22.62 20.20 5.57
CA THR B 166 -22.48 21.65 5.61
C THR B 166 -21.10 22.09 5.12
N GLU B 167 -21.03 23.33 4.63
CA GLU B 167 -19.74 23.85 4.18
C GLU B 167 -18.76 23.97 5.33
N GLU B 168 -19.23 24.32 6.53
CA GLU B 168 -18.24 24.60 7.56
C GLU B 168 -17.55 23.33 8.05
N GLU B 169 -18.26 22.21 8.09
CA GLU B 169 -17.63 20.94 8.43
C GLU B 169 -16.58 20.57 7.38
N ALA B 170 -16.92 20.76 6.10
CA ALA B 170 -16.00 20.43 5.03
C ALA B 170 -14.75 21.29 5.11
N TRP B 171 -14.92 22.58 5.37
CA TRP B 171 -13.78 23.49 5.52
C TRP B 171 -12.89 23.07 6.68
N GLU B 172 -13.52 22.76 7.81
CA GLU B 172 -12.80 22.27 8.97
C GLU B 172 -11.93 21.07 8.61
N LEU B 173 -12.49 20.13 7.85
CA LEU B 173 -11.71 18.96 7.48
C LEU B 173 -10.57 19.34 6.54
N VAL B 174 -10.81 20.22 5.57
CA VAL B 174 -9.74 20.71 4.71
C VAL B 174 -8.56 21.21 5.53
N LEU B 175 -8.83 22.03 6.54
CA LEU B 175 -7.74 22.57 7.35
C LEU B 175 -7.06 21.51 8.23
N ASP B 176 -7.85 20.55 8.75
CA ASP B 176 -7.25 19.46 9.53
C ASP B 176 -6.28 18.64 8.69
N ILE B 177 -6.70 18.31 7.47
CA ILE B 177 -5.83 17.59 6.54
C ILE B 177 -4.60 18.43 6.19
N LEU B 178 -4.79 19.72 5.94
CA LEU B 178 -3.64 20.57 5.66
C LEU B 178 -2.65 20.56 6.81
N GLU B 179 -3.13 20.55 8.06
CA GLU B 179 -2.21 20.45 9.18
C GLU B 179 -1.48 19.13 9.17
N LEU B 180 -2.18 18.04 8.82
CA LEU B 180 -1.47 16.78 8.70
C LEU B 180 -0.38 16.83 7.62
N TYR B 181 -0.57 17.64 6.58
CA TYR B 181 0.48 17.72 5.57
C TYR B 181 1.65 18.54 6.08
N ARG B 182 1.36 19.62 6.81
CA ARG B 182 2.43 20.33 7.51
C ARG B 182 3.24 19.37 8.37
N ARG B 183 2.56 18.43 9.02
CA ARG B 183 3.27 17.55 9.95
C ARG B 183 4.07 16.48 9.22
N TRP B 184 3.48 15.88 8.19
CA TRP B 184 4.20 15.05 7.23
C TRP B 184 5.53 15.68 6.84
N TYR B 185 5.49 16.92 6.38
CA TYR B 185 6.72 17.49 5.86
C TYR B 185 7.68 17.91 6.96
N GLU B 186 7.15 18.48 8.04
CA GLU B 186 7.97 19.11 9.06
C GLU B 186 8.40 18.13 10.14
N GLU B 187 7.47 17.35 10.67
CA GLU B 187 7.85 16.42 11.73
C GLU B 187 8.55 15.17 11.17
N CYS B 188 8.11 14.63 10.03
CA CYS B 188 8.76 13.44 9.47
C CYS B 188 9.97 13.77 8.61
N LEU B 189 9.82 14.62 7.62
CA LEU B 189 10.89 14.87 6.66
C LEU B 189 11.71 16.10 7.00
N ALA B 190 11.37 16.81 8.08
CA ALA B 190 12.12 18.00 8.53
C ALA B 190 12.21 19.05 7.44
N VAL B 191 11.15 19.19 6.65
CA VAL B 191 11.05 20.18 5.58
C VAL B 191 10.05 21.25 6.02
N PRO B 192 10.46 22.50 6.18
CA PRO B 192 9.52 23.54 6.59
C PRO B 192 8.67 23.97 5.41
N VAL B 193 7.38 24.14 5.66
CA VAL B 193 6.42 24.50 4.61
C VAL B 193 5.56 25.65 5.10
N ILE B 194 4.91 26.31 4.14
CA ILE B 194 4.09 27.50 4.36
C ILE B 194 2.66 27.20 3.96
N LYS B 195 1.72 27.42 4.87
CA LYS B 195 0.33 27.18 4.60
C LYS B 195 -0.27 28.38 3.88
N GLY B 196 -1.09 28.12 2.88
CA GLY B 196 -1.71 29.24 2.20
C GLY B 196 -2.86 28.80 1.33
N GLU B 197 -3.49 29.80 0.73
CA GLU B 197 -4.61 29.63 -0.18
C GLU B 197 -4.12 29.96 -1.59
N LYS B 198 -4.47 29.10 -2.55
CA LYS B 198 -4.08 29.39 -3.93
C LYS B 198 -4.89 30.54 -4.50
N SER B 199 -4.32 31.22 -5.49
CA SER B 199 -5.05 32.23 -6.23
C SER B 199 -6.14 31.56 -7.07
N GLU B 200 -7.11 32.38 -7.50
CA GLU B 200 -8.14 31.92 -8.43
C GLU B 200 -7.54 31.25 -9.65
N GLY B 201 -6.50 31.86 -10.22
CA GLY B 201 -5.85 31.30 -11.40
C GLY B 201 -5.03 30.03 -11.16
N GLU B 202 -4.87 29.57 -9.92
CA GLU B 202 -4.10 28.35 -9.67
C GLU B 202 -4.84 27.34 -8.78
N LYS B 203 -6.12 27.56 -8.47
CA LYS B 203 -6.86 26.59 -7.67
C LYS B 203 -7.45 25.50 -8.57
N PHE B 204 -7.92 24.41 -7.94
CA PHE B 204 -8.59 23.32 -8.67
C PHE B 204 -9.74 23.90 -9.46
N ALA B 205 -9.93 23.37 -10.68
CA ALA B 205 -10.79 24.03 -11.65
C ALA B 205 -12.21 24.23 -11.12
N GLY B 206 -12.81 23.17 -10.58
CA GLY B 206 -14.19 23.20 -10.17
C GLY B 206 -14.50 23.58 -8.73
N GLY B 207 -13.49 23.78 -7.88
CA GLY B 207 -13.72 23.93 -6.46
C GLY B 207 -13.87 25.38 -6.01
N LYS B 208 -14.18 25.54 -4.76
CA LYS B 208 -14.33 26.82 -4.20
C LYS B 208 -13.03 27.39 -3.77
N LYS B 209 -12.27 26.61 -3.04
CA LYS B 209 -10.99 27.03 -2.54
C LYS B 209 -9.98 25.93 -2.46
N THR B 210 -8.79 26.17 -2.93
CA THR B 210 -7.68 25.25 -2.78
C THR B 210 -6.70 25.79 -1.74
N THR B 211 -6.39 24.97 -0.74
CA THR B 211 -5.31 25.27 0.19
C THR B 211 -4.10 24.40 -0.11
N THR B 212 -2.94 24.90 0.29
CA THR B 212 -1.67 24.34 -0.15
C THR B 212 -0.65 24.52 0.95
N VAL B 213 0.31 23.59 1.03
CA VAL B 213 1.56 23.81 1.75
C VAL B 213 2.64 23.96 0.70
N GLU B 214 3.47 25.00 0.83
CA GLU B 214 4.52 25.30 -0.14
C GLU B 214 5.90 25.13 0.48
N ALA B 215 6.87 24.75 -0.34
CA ALA B 215 8.27 24.66 0.06
C ALA B 215 9.15 25.40 -0.94
N PHE B 216 10.39 25.67 -0.53
CA PHE B 216 11.34 26.50 -1.26
C PHE B 216 12.61 25.72 -1.52
N ILE B 217 13.14 25.85 -2.74
CA ILE B 217 14.42 25.27 -3.12
C ILE B 217 15.40 26.43 -3.31
N PRO B 218 16.23 26.70 -2.30
CA PRO B 218 17.17 27.84 -2.40
C PRO B 218 18.13 27.78 -3.56
N GLU B 219 18.56 26.58 -3.97
CA GLU B 219 19.62 26.47 -4.96
C GLU B 219 19.18 26.90 -6.35
N ASN B 220 17.89 26.85 -6.67
CA ASN B 220 17.40 27.51 -7.88
C ASN B 220 16.37 28.57 -7.56
N GLY B 221 16.14 28.87 -6.29
CA GLY B 221 15.16 29.85 -5.91
C GLY B 221 13.75 29.50 -6.33
N ARG B 222 13.42 28.21 -6.43
CA ARG B 222 12.12 27.85 -6.98
C ARG B 222 11.17 27.40 -5.87
N GLY B 223 9.93 27.84 -5.97
CA GLY B 223 8.91 27.31 -5.10
C GLY B 223 8.36 26.02 -5.66
N ILE B 224 7.85 25.18 -4.78
CA ILE B 224 7.29 23.89 -5.17
C ILE B 224 6.13 23.58 -4.23
N GLN B 225 5.08 23.01 -4.80
CA GLN B 225 3.86 22.75 -4.06
C GLN B 225 3.98 21.39 -3.41
N ALA B 226 3.94 21.36 -2.08
CA ALA B 226 4.20 20.15 -1.31
C ALA B 226 3.01 19.22 -1.26
N ALA B 227 1.79 19.78 -1.23
CA ALA B 227 0.54 19.04 -1.05
C ALA B 227 -0.66 20.00 -1.15
N THR B 228 -1.82 19.50 -1.58
CA THR B 228 -3.01 20.32 -1.74
C THR B 228 -4.19 19.73 -0.97
N SER B 229 -5.09 20.62 -0.56
CA SER B 229 -6.31 20.22 0.14
C SER B 229 -7.43 21.14 -0.35
N HIS B 230 -8.38 20.60 -1.12
CA HIS B 230 -9.41 21.42 -1.78
C HIS B 230 -10.75 21.37 -1.06
N LEU B 231 -11.27 22.55 -0.73
CA LEU B 231 -12.69 22.73 -0.47
C LEU B 231 -13.40 22.72 -1.81
N LEU B 232 -13.96 21.57 -2.19
CA LEU B 232 -14.58 21.45 -3.50
C LEU B 232 -15.95 22.10 -3.56
N GLY B 233 -16.64 22.21 -2.42
CA GLY B 233 -17.95 22.83 -2.44
C GLY B 233 -18.99 21.93 -3.08
N THR B 234 -19.97 22.55 -3.76
CA THR B 234 -21.10 21.80 -4.31
C THR B 234 -21.06 21.59 -5.82
N ASN B 235 -20.11 22.22 -6.53
CA ASN B 235 -20.12 22.15 -8.00
C ASN B 235 -20.06 20.71 -8.50
N PHE B 236 -19.20 19.88 -7.89
CA PHE B 236 -19.14 18.47 -8.25
C PHE B 236 -20.41 17.74 -7.85
N ALA B 237 -20.94 18.03 -6.65
CA ALA B 237 -22.23 17.44 -6.26
C ALA B 237 -23.33 17.82 -7.25
N LYS B 238 -23.31 19.06 -7.76
CA LYS B 238 -24.29 19.43 -8.78
C LYS B 238 -24.09 18.59 -10.04
N MET B 239 -22.86 18.52 -10.55
CA MET B 239 -22.64 17.80 -11.81
C MET B 239 -22.97 16.31 -11.68
N PHE B 240 -22.56 15.68 -10.60
CA PHE B 240 -22.69 14.24 -10.42
C PHE B 240 -23.98 13.82 -9.71
N GLU B 241 -24.83 14.78 -9.35
CA GLU B 241 -26.09 14.51 -8.68
C GLU B 241 -25.87 13.77 -7.35
N ILE B 242 -24.94 14.29 -6.55
CA ILE B 242 -24.74 13.77 -5.20
C ILE B 242 -25.65 14.57 -4.28
N GLU B 243 -26.86 14.07 -4.08
CA GLU B 243 -27.88 14.71 -3.26
C GLU B 243 -28.16 13.88 -2.02
N PHE B 244 -28.51 14.55 -0.94
CA PHE B 244 -29.03 13.89 0.24
C PHE B 244 -30.26 14.65 0.72
N GLU B 245 -31.19 13.91 1.31
CA GLU B 245 -32.37 14.52 1.92
C GLU B 245 -32.04 14.88 3.37
N ASP B 246 -32.28 16.14 3.72
CA ASP B 246 -31.96 16.63 5.07
C ASP B 246 -33.07 16.22 6.06
N GLU B 247 -32.95 16.68 7.32
CA GLU B 247 -33.86 16.25 8.38
C GLU B 247 -35.27 16.81 8.23
N GLU B 248 -35.46 17.85 7.41
CA GLU B 248 -36.79 18.40 7.20
C GLU B 248 -37.33 18.07 5.82
N GLY B 249 -36.69 17.14 5.11
CA GLY B 249 -37.25 16.52 3.93
C GLY B 249 -36.77 17.06 2.59
N HIS B 250 -35.94 18.09 2.60
CA HIS B 250 -35.51 18.72 1.35
C HIS B 250 -34.22 18.10 0.83
N LYS B 251 -34.04 18.16 -0.47
CA LYS B 251 -32.88 17.67 -1.09
C LYS B 251 -31.81 18.73 -1.14
N ARG B 252 -30.61 18.38 -0.74
CA ARG B 252 -29.48 19.28 -0.66
C ARG B 252 -28.28 18.65 -1.35
N LEU B 253 -27.40 19.51 -1.87
CA LEU B 253 -26.13 19.05 -2.41
C LEU B 253 -25.13 18.90 -1.26
N VAL B 254 -24.27 17.87 -1.36
CA VAL B 254 -23.23 17.69 -0.36
C VAL B 254 -22.10 18.69 -0.62
N HIS B 255 -21.30 18.92 0.41
CA HIS B 255 -20.13 19.79 0.33
C HIS B 255 -18.91 18.89 0.37
N GLN B 256 -18.16 18.88 -0.72
CA GLN B 256 -17.06 17.93 -0.85
C GLN B 256 -15.70 18.59 -0.61
N THR B 257 -14.77 17.74 -0.21
CA THR B 257 -13.36 18.07 -0.20
C THR B 257 -12.57 16.94 -0.85
N SER B 258 -11.38 17.26 -1.32
CA SER B 258 -10.46 16.24 -1.79
C SER B 258 -9.05 16.76 -1.54
N TRP B 259 -8.13 15.83 -1.28
CA TRP B 259 -6.81 16.21 -0.79
C TRP B 259 -5.80 15.11 -1.14
N GLY B 260 -4.59 15.53 -1.52
CA GLY B 260 -3.63 14.60 -2.10
C GLY B 260 -2.19 14.93 -1.79
N CYS B 261 -1.36 13.89 -1.68
CA CYS B 261 0.08 14.08 -1.47
C CYS B 261 0.86 12.92 -2.08
N THR B 262 2.03 13.20 -2.68
CA THR B 262 2.71 12.27 -3.60
C THR B 262 4.16 11.97 -3.19
N THR B 263 4.78 11.12 -4.00
CA THR B 263 6.20 10.79 -3.81
C THR B 263 7.11 11.97 -4.13
N ARG B 264 6.56 13.05 -4.70
CA ARG B 264 7.29 14.32 -4.81
C ARG B 264 7.85 14.78 -3.48
N SER B 265 7.22 14.38 -2.38
CA SER B 265 7.73 14.76 -1.07
C SER B 265 9.14 14.21 -0.86
N LEU B 266 9.41 13.02 -1.37
CA LEU B 266 10.77 12.49 -1.28
C LEU B 266 11.75 13.40 -2.01
N GLY B 267 11.35 13.91 -3.19
CA GLY B 267 12.21 14.82 -3.91
C GLY B 267 12.48 16.08 -3.12
N VAL B 268 11.44 16.60 -2.46
CA VAL B 268 11.61 17.84 -1.74
C VAL B 268 12.54 17.62 -0.57
N MET B 269 12.53 16.42 -0.01
CA MET B 269 13.42 16.15 1.10
C MET B 269 14.86 16.09 0.63
N ILE B 270 15.10 15.48 -0.53
CA ILE B 270 16.46 15.36 -1.04
C ILE B 270 17.07 16.74 -1.23
N MET B 271 16.38 17.56 -2.03
CA MET B 271 16.82 18.90 -2.31
C MET B 271 16.97 19.72 -1.05
N THR B 272 16.26 19.34 0.01
CA THR B 272 16.34 20.23 1.15
C THR B 272 17.63 19.98 1.92
N HIS B 273 17.98 18.71 2.13
CA HIS B 273 18.97 18.39 3.16
C HIS B 273 20.27 17.86 2.61
N GLY B 274 20.34 17.63 1.31
CA GLY B 274 21.57 17.17 0.73
C GLY B 274 22.63 18.25 0.72
N ASP B 275 23.87 17.79 0.59
CA ASP B 275 25.02 18.67 0.51
C ASP B 275 25.93 18.15 -0.61
N ASP B 276 27.14 18.68 -0.69
CA ASP B 276 28.02 18.31 -1.80
C ASP B 276 28.44 16.85 -1.74
N LYS B 277 28.39 16.22 -0.56
CA LYS B 277 28.70 14.81 -0.40
C LYS B 277 27.53 13.87 -0.69
N GLY B 278 26.33 14.39 -0.96
CA GLY B 278 25.18 13.56 -1.28
C GLY B 278 24.00 13.83 -0.36
N LEU B 279 23.18 12.80 -0.17
CA LEU B 279 21.96 12.90 0.62
C LEU B 279 22.25 13.04 2.10
N VAL B 280 21.27 13.57 2.81
CA VAL B 280 21.14 13.51 4.26
C VAL B 280 19.69 13.15 4.57
N ILE B 281 19.43 11.92 4.99
CA ILE B 281 18.07 11.47 5.29
C ILE B 281 17.74 11.71 6.75
N PRO B 282 16.61 12.35 7.08
CA PRO B 282 16.28 12.57 8.49
C PRO B 282 16.06 11.25 9.19
N PRO B 283 16.51 11.13 10.45
CA PRO B 283 16.46 9.84 11.14
C PRO B 283 15.08 9.28 11.31
N ARG B 284 14.06 10.12 11.38
CA ARG B 284 12.70 9.61 11.54
C ARG B 284 12.22 8.78 10.36
N VAL B 285 12.80 8.94 9.17
CA VAL B 285 12.38 8.15 8.01
C VAL B 285 13.50 7.33 7.39
N ALA B 286 14.75 7.50 7.81
CA ALA B 286 15.85 6.69 7.28
C ALA B 286 15.64 5.20 7.51
N SER B 287 15.88 4.41 6.45
CA SER B 287 15.75 2.95 6.53
C SER B 287 16.79 2.35 7.45
N VAL B 288 17.97 2.94 7.50
CA VAL B 288 19.00 2.60 8.46
C VAL B 288 19.35 3.89 9.16
N GLN B 289 19.24 3.90 10.47
CA GLN B 289 19.61 5.08 11.23
C GLN B 289 21.07 5.08 11.59
N VAL B 290 21.67 3.89 11.69
CA VAL B 290 23.01 3.71 12.22
C VAL B 290 23.62 2.56 11.46
N VAL B 291 24.64 2.83 10.64
CA VAL B 291 25.39 1.77 9.97
C VAL B 291 26.63 1.50 10.80
N ILE B 292 26.89 0.23 11.07
CA ILE B 292 28.07 -0.18 11.83
C ILE B 292 29.13 -0.65 10.83
N ILE B 293 30.26 0.01 10.81
CA ILE B 293 31.31 -0.34 9.86
C ILE B 293 32.47 -0.95 10.64
N PRO B 294 32.73 -2.26 10.49
CA PRO B 294 33.93 -2.87 11.10
C PRO B 294 35.18 -2.44 10.34
N ILE B 295 36.16 -1.98 11.06
CA ILE B 295 37.39 -1.63 10.44
C ILE B 295 38.14 -2.88 10.09
N LEU B 296 37.79 -3.47 8.99
CA LEU B 296 38.44 -4.62 8.54
C LEU B 296 38.91 -4.35 7.16
N PHE B 297 40.10 -4.81 6.87
CA PHE B 297 40.71 -4.65 5.59
C PHE B 297 40.91 -6.01 5.09
N LYS B 298 40.42 -6.26 3.88
CA LYS B 298 40.68 -7.52 3.19
C LYS B 298 40.37 -8.73 4.01
N ASP B 299 41.37 -9.55 4.25
CA ASP B 299 41.14 -10.77 4.96
C ASP B 299 41.56 -10.76 6.40
N GLU B 300 40.72 -10.28 7.28
CA GLU B 300 41.08 -10.31 8.67
C GLU B 300 39.90 -10.89 9.37
N ASN B 301 39.62 -12.15 9.11
CA ASN B 301 38.45 -12.69 9.73
C ASN B 301 38.68 -13.42 11.01
N THR B 302 38.25 -12.78 12.05
CA THR B 302 38.18 -13.34 13.36
C THR B 302 36.87 -12.76 13.88
N GLY B 303 36.22 -13.51 14.73
CA GLY B 303 35.02 -13.02 15.27
C GLY B 303 35.24 -11.87 16.19
N GLU B 304 36.44 -11.35 16.42
CA GLU B 304 36.49 -10.34 17.41
C GLU B 304 35.76 -9.10 17.07
N ILE B 305 35.96 -8.59 15.90
CA ILE B 305 35.29 -7.39 15.55
C ILE B 305 33.87 -7.58 15.15
N LEU B 306 33.61 -8.57 14.35
CA LEU B 306 32.29 -8.79 13.91
C LEU B 306 31.43 -9.27 15.02
N GLY B 307 32.00 -9.93 15.98
CA GLY B 307 31.23 -10.37 17.14
C GLY B 307 30.80 -9.22 18.03
N LYS B 308 31.72 -8.28 18.28
CA LYS B 308 31.35 -7.08 19.02
C LYS B 308 30.36 -6.25 18.22
N CYS B 309 30.51 -6.26 16.90
CA CYS B 309 29.60 -5.51 16.04
C CYS B 309 28.19 -6.06 16.18
N ARG B 310 28.06 -7.39 16.26
CA ARG B 310 26.76 -8.03 16.45
C ARG B 310 26.19 -7.77 17.84
N GLU B 311 27.01 -7.88 18.89
CA GLU B 311 26.51 -7.48 20.21
C GLU B 311 25.93 -6.08 20.18
N LEU B 312 26.67 -5.15 19.56
CA LEU B 312 26.24 -3.76 19.50
C LEU B 312 24.94 -3.60 18.72
N LYS B 313 24.83 -4.28 17.58
CA LYS B 313 23.59 -4.21 16.83
C LYS B 313 22.44 -4.67 17.70
N THR B 314 22.63 -5.78 18.42
CA THR B 314 21.55 -6.28 19.24
C THR B 314 21.12 -5.23 20.26
N MET B 315 22.05 -4.65 20.97
CA MET B 315 21.65 -3.71 21.96
C MET B 315 21.03 -2.45 21.43
N LEU B 316 21.51 -1.98 20.33
CA LEU B 316 20.90 -0.79 19.73
C LEU B 316 19.49 -1.09 19.22
N GLU B 317 19.28 -2.29 18.67
CA GLU B 317 17.96 -2.63 18.16
C GLU B 317 16.94 -2.72 19.28
N LYS B 318 17.36 -3.18 20.46
CA LYS B 318 16.39 -3.24 21.54
C LYS B 318 15.99 -1.86 22.06
N ALA B 319 16.77 -0.82 21.77
CA ALA B 319 16.27 0.55 21.92
C ALA B 319 15.54 1.05 20.68
N ASP B 320 15.18 0.14 19.76
CA ASP B 320 14.36 0.45 18.60
C ASP B 320 15.10 1.35 17.61
N ILE B 321 16.40 1.10 17.45
CA ILE B 321 17.21 1.80 16.46
C ILE B 321 17.41 0.87 15.27
N ARG B 322 17.34 1.44 14.07
CA ARG B 322 17.41 0.65 12.85
C ARG B 322 18.87 0.56 12.44
N VAL B 323 19.44 -0.65 12.50
CA VAL B 323 20.89 -0.85 12.42
C VAL B 323 21.24 -1.79 11.28
N ARG B 324 22.33 -1.48 10.57
CA ARG B 324 22.94 -2.39 9.62
C ARG B 324 24.45 -2.47 9.86
N ILE B 325 24.98 -3.68 9.80
CA ILE B 325 26.43 -3.89 9.79
C ILE B 325 26.84 -4.08 8.34
N ASP B 326 27.77 -3.26 7.86
CA ASP B 326 28.29 -3.43 6.51
C ASP B 326 29.59 -4.22 6.62
N ASP B 327 29.46 -5.55 6.62
CA ASP B 327 30.62 -6.44 6.73
C ASP B 327 31.08 -6.95 5.37
N ARG B 328 30.89 -6.18 4.32
CA ARG B 328 31.28 -6.65 2.99
C ARG B 328 32.79 -6.71 2.90
N SER B 329 33.31 -7.89 2.58
CA SER B 329 34.74 -8.13 2.68
C SER B 329 35.54 -7.34 1.66
N ASN B 330 35.02 -7.19 0.44
CA ASN B 330 35.86 -6.73 -0.66
C ASN B 330 35.99 -5.21 -0.75
N TYR B 331 35.63 -4.47 0.29
CA TYR B 331 35.64 -3.01 0.25
C TYR B 331 36.43 -2.45 1.42
N THR B 332 37.17 -1.38 1.16
CA THR B 332 37.92 -0.69 2.21
C THR B 332 36.99 0.07 3.15
N PRO B 333 37.43 0.31 4.37
CA PRO B 333 36.66 1.17 5.27
C PRO B 333 36.34 2.52 4.66
N GLY B 334 37.27 3.13 3.94
CA GLY B 334 37.00 4.43 3.35
C GLY B 334 35.98 4.35 2.22
N TRP B 335 36.05 3.28 1.42
CA TRP B 335 35.01 3.03 0.45
C TRP B 335 33.65 3.04 1.15
N LYS B 336 33.53 2.31 2.27
CA LYS B 336 32.26 2.18 2.95
C LYS B 336 31.81 3.50 3.55
N TYR B 337 32.74 4.24 4.16
CA TYR B 337 32.39 5.56 4.66
C TYR B 337 31.73 6.38 3.57
N ASN B 338 32.41 6.48 2.41
CA ASN B 338 31.85 7.33 1.37
CA ASN B 338 31.86 7.30 1.33
C ASN B 338 30.54 6.75 0.82
N HIS B 339 30.44 5.42 0.75
CA HIS B 339 29.20 4.79 0.28
C HIS B 339 28.01 5.19 1.16
N TRP B 340 28.15 5.04 2.49
CA TRP B 340 27.04 5.32 3.38
C TRP B 340 26.82 6.82 3.56
N GLU B 341 27.86 7.62 3.36
CA GLU B 341 27.71 9.07 3.36
C GLU B 341 26.89 9.54 2.17
N VAL B 342 27.19 9.01 0.98
CA VAL B 342 26.39 9.31 -0.19
C VAL B 342 24.95 8.85 -0.01
N LYS B 343 24.74 7.68 0.61
CA LYS B 343 23.38 7.22 0.86
C LYS B 343 22.66 8.09 1.89
N GLY B 344 23.39 8.75 2.78
CA GLY B 344 22.79 9.70 3.71
C GLY B 344 22.35 9.14 5.05
N VAL B 345 22.95 8.06 5.52
CA VAL B 345 22.67 7.55 6.86
C VAL B 345 23.02 8.63 7.87
N PRO B 346 22.17 8.93 8.84
CA PRO B 346 22.50 10.03 9.77
C PRO B 346 23.66 9.70 10.71
N LEU B 347 23.87 8.45 11.08
CA LEU B 347 24.95 8.11 12.00
C LEU B 347 25.79 6.98 11.43
N ARG B 348 27.08 7.05 11.70
CA ARG B 348 28.00 5.97 11.35
C ARG B 348 28.76 5.57 12.61
N LEU B 349 28.87 4.26 12.84
CA LEU B 349 29.55 3.72 14.01
C LEU B 349 30.79 2.95 13.52
N GLU B 350 31.95 3.59 13.62
CA GLU B 350 33.23 2.95 13.34
C GLU B 350 33.70 2.15 14.55
N LEU B 351 34.05 0.89 14.30
CA LEU B 351 34.58 -0.01 15.30
C LEU B 351 35.81 -0.71 14.74
N GLY B 352 36.99 -0.41 15.27
CA GLY B 352 38.18 -1.11 14.87
C GLY B 352 38.99 -1.63 16.04
N PRO B 353 40.15 -2.20 15.74
CA PRO B 353 40.98 -2.81 16.80
C PRO B 353 41.25 -1.90 17.97
N LYS B 354 41.64 -0.64 17.73
CA LYS B 354 41.85 0.30 18.83
C LYS B 354 40.54 0.57 19.57
N ASP B 355 39.41 0.67 18.86
CA ASP B 355 38.14 0.86 19.52
C ASP B 355 37.84 -0.30 20.46
N LEU B 356 37.93 -1.53 19.92
CA LEU B 356 37.78 -2.75 20.71
C LEU B 356 38.73 -2.77 21.91
N ALA B 357 39.92 -2.22 21.75
CA ALA B 357 40.90 -2.25 22.83
C ALA B 357 40.76 -1.07 23.78
N LYS B 358 39.67 -0.33 23.69
CA LYS B 358 39.40 0.74 24.62
C LYS B 358 38.00 0.61 25.13
N GLY B 359 37.17 -0.23 24.56
CA GLY B 359 35.80 -0.37 25.01
C GLY B 359 34.86 0.70 24.49
N THR B 360 35.26 1.45 23.47
CA THR B 360 34.43 2.50 22.91
C THR B 360 34.16 2.23 21.43
N ALA B 361 33.48 3.21 20.83
CA ALA B 361 33.15 3.21 19.41
C ALA B 361 33.20 4.67 18.98
N ARG B 362 33.56 4.92 17.71
CA ARG B 362 33.52 6.28 17.20
C ARG B 362 32.26 6.46 16.36
N VAL B 363 31.46 7.48 16.67
CA VAL B 363 30.22 7.78 15.95
C VAL B 363 30.40 9.10 15.22
N VAL B 364 29.98 9.15 13.95
CA VAL B 364 30.03 10.38 13.15
C VAL B 364 28.63 10.73 12.67
N ARG B 365 28.22 11.99 12.87
CA ARG B 365 26.98 12.54 12.33
C ARG B 365 27.12 12.92 10.87
N ARG B 366 26.10 12.59 10.07
CA ARG B 366 26.20 12.88 8.65
C ARG B 366 25.99 14.36 8.33
N ASP B 367 25.17 15.06 9.11
CA ASP B 367 24.81 16.43 8.75
C ASP B 367 25.95 17.42 9.02
N THR B 368 26.65 17.26 10.13
CA THR B 368 27.75 18.16 10.47
C THR B 368 29.13 17.53 10.34
N GLY B 369 29.23 16.21 10.33
CA GLY B 369 30.52 15.56 10.33
C GLY B 369 31.21 15.50 11.68
N GLU B 370 30.54 15.94 12.74
CA GLU B 370 31.14 15.91 14.07
C GLU B 370 31.30 14.48 14.55
N ALA B 371 32.37 14.23 15.29
CA ALA B 371 32.69 12.89 15.76
C ALA B 371 32.62 12.82 17.29
N TYR B 372 32.25 11.65 17.80
CA TYR B 372 32.12 11.39 19.22
C TYR B 372 32.70 10.02 19.54
N GLN B 373 33.46 9.91 20.62
CA GLN B 373 33.90 8.62 21.13
C GLN B 373 33.02 8.25 22.32
N ILE B 374 32.36 7.11 22.23
CA ILE B 374 31.32 6.73 23.19
C ILE B 374 31.58 5.34 23.74
N SER B 375 31.47 5.22 25.06
CA SER B 375 31.51 3.92 25.71
C SER B 375 30.36 3.03 25.23
N TRP B 376 30.60 1.72 25.15
CA TRP B 376 29.58 0.81 24.64
C TRP B 376 28.32 0.84 25.49
N ALA B 377 28.48 1.02 26.81
CA ALA B 377 27.31 1.15 27.69
C ALA B 377 26.47 2.36 27.31
N ASP B 378 27.12 3.50 27.07
CA ASP B 378 26.49 4.78 26.77
C ASP B 378 25.84 4.84 25.39
N LEU B 379 26.04 3.82 24.54
CA LEU B 379 25.78 3.97 23.11
C LEU B 379 24.31 4.22 22.84
N ALA B 380 23.42 3.41 23.40
CA ALA B 380 22.01 3.52 23.02
C ALA B 380 21.39 4.85 23.45
N PRO B 381 21.57 5.32 24.70
CA PRO B 381 21.04 6.66 25.04
C PRO B 381 21.65 7.78 24.20
N LYS B 382 22.96 7.77 24.01
CA LYS B 382 23.59 8.85 23.27
C LYS B 382 23.15 8.86 21.81
N LEU B 383 22.86 7.69 21.24
CA LEU B 383 22.44 7.66 19.84
C LEU B 383 21.01 8.16 19.70
N LEU B 384 20.13 7.81 20.65
CA LEU B 384 18.78 8.38 20.62
C LEU B 384 18.84 9.90 20.73
N GLU B 385 19.67 10.40 21.64
CA GLU B 385 19.84 11.84 21.78
C GLU B 385 20.36 12.48 20.50
N LEU B 386 21.41 11.90 19.91
CA LEU B 386 22.01 12.48 18.71
C LEU B 386 21.03 12.48 17.55
N MET B 387 20.23 11.42 17.43
CA MET B 387 19.23 11.39 16.37
C MET B 387 18.19 12.49 16.57
N GLU B 388 17.71 12.70 17.80
CA GLU B 388 16.80 13.83 18.04
C GLU B 388 17.45 15.16 17.65
N GLY B 389 18.72 15.33 18.00
CA GLY B 389 19.42 16.56 17.66
C GLY B 389 19.59 16.75 16.17
N ILE B 390 19.92 15.68 15.44
CA ILE B 390 20.05 15.76 13.99
C ILE B 390 18.73 16.14 13.35
N GLN B 391 17.64 15.53 13.80
CA GLN B 391 16.35 15.85 13.18
C GLN B 391 15.99 17.31 13.41
N ARG B 392 16.13 17.79 14.65
CA ARG B 392 15.81 19.18 14.92
C ARG B 392 16.75 20.12 14.19
N SER B 393 18.03 19.74 14.08
CA SER B 393 19.00 20.60 13.40
C SER B 393 18.65 20.74 11.92
N LEU B 394 18.37 19.61 11.26
CA LEU B 394 17.96 19.63 9.86
C LEU B 394 16.82 20.58 9.65
N PHE B 395 15.78 20.45 10.50
CA PHE B 395 14.62 21.32 10.38
C PHE B 395 14.99 22.79 10.57
N GLU B 396 15.71 23.11 11.65
CA GLU B 396 15.96 24.51 11.97
C GLU B 396 16.80 25.20 10.90
N LYS B 397 17.79 24.49 10.35
CA LYS B 397 18.62 25.12 9.34
C LYS B 397 17.83 25.31 8.04
N ALA B 398 17.00 24.32 7.67
CA ALA B 398 16.13 24.52 6.51
C ALA B 398 15.17 25.69 6.73
N LYS B 399 14.68 25.87 7.97
CA LYS B 399 13.74 26.96 8.23
C LYS B 399 14.42 28.31 8.18
N ALA B 400 15.64 28.41 8.70
CA ALA B 400 16.38 29.66 8.52
C ALA B 400 16.64 29.94 7.06
N ARG B 401 16.94 28.89 6.28
CA ARG B 401 17.18 29.12 4.85
C ARG B 401 15.91 29.62 4.16
N LEU B 402 14.76 29.03 4.50
CA LEU B 402 13.48 29.49 3.96
C LEU B 402 13.23 30.96 4.29
N HIS B 403 13.36 31.33 5.57
CA HIS B 403 13.12 32.72 5.94
C HIS B 403 14.06 33.65 5.17
N GLU B 404 15.33 33.24 5.04
CA GLU B 404 16.32 34.02 4.31
C GLU B 404 16.01 34.13 2.82
N GLY B 405 15.15 33.26 2.27
CA GLY B 405 14.85 33.34 0.86
C GLY B 405 13.64 34.15 0.44
N ILE B 406 12.95 34.82 1.37
CA ILE B 406 11.75 35.56 1.04
C ILE B 406 11.99 37.03 1.35
N GLU B 407 11.85 37.89 0.34
CA GLU B 407 11.99 39.34 0.46
C GLU B 407 10.64 40.03 0.43
N LYS B 408 10.39 40.91 1.38
CA LYS B 408 9.11 41.60 1.49
C LYS B 408 9.20 42.90 0.70
N ILE B 409 8.52 42.95 -0.45
CA ILE B 409 8.60 44.09 -1.35
C ILE B 409 7.33 44.92 -1.28
N SER B 410 7.33 45.99 -2.05
CA SER B 410 6.23 46.91 -2.10
C SER B 410 5.92 47.33 -3.48
N THR B 411 6.86 47.26 -4.39
CA THR B 411 6.59 47.69 -5.73
C THR B 411 7.19 46.77 -6.71
N PHE B 412 6.79 46.87 -7.95
CA PHE B 412 7.25 46.00 -8.98
C PHE B 412 8.65 46.13 -9.39
N ASP B 413 9.27 47.25 -9.11
CA ASP B 413 10.66 47.42 -9.38
C ASP B 413 11.55 46.54 -8.52
N GLU B 414 11.11 46.11 -7.37
CA GLU B 414 11.84 45.21 -6.58
C GLU B 414 11.67 43.77 -7.00
N VAL B 415 10.84 43.45 -7.96
CA VAL B 415 10.60 42.04 -8.32
C VAL B 415 11.84 41.44 -8.96
N MET B 416 12.26 41.98 -10.11
CA MET B 416 13.34 41.35 -10.87
C MET B 416 14.65 41.28 -10.10
N PRO B 417 15.03 42.27 -9.27
CA PRO B 417 16.19 42.04 -8.39
C PRO B 417 16.05 40.79 -7.54
N ALA B 418 14.93 40.65 -6.84
CA ALA B 418 14.73 39.52 -5.94
C ALA B 418 14.79 38.20 -6.68
N LEU B 419 14.10 38.11 -7.82
CA LEU B 419 14.11 36.90 -8.62
C LEU B 419 15.53 36.51 -9.00
N ASN B 420 16.40 37.51 -9.17
CA ASN B 420 17.78 37.21 -9.55
C ASN B 420 18.65 36.84 -8.36
N ARG B 421 18.25 37.25 -7.16
CA ARG B 421 18.88 36.70 -5.95
C ARG B 421 18.38 35.30 -5.62
N LYS B 422 17.63 34.68 -6.52
CA LYS B 422 17.00 33.39 -6.28
C LYS B 422 16.12 33.42 -5.03
N HIS B 423 15.29 34.45 -4.94
CA HIS B 423 14.46 34.61 -3.76
C HIS B 423 13.00 34.58 -4.16
N LEU B 424 12.15 34.40 -3.16
CA LEU B 424 10.70 34.62 -3.30
C LEU B 424 10.36 36.05 -2.89
N VAL B 425 9.20 36.53 -3.31
CA VAL B 425 8.75 37.86 -2.89
C VAL B 425 7.39 37.76 -2.23
N LEU B 426 7.22 38.51 -1.14
CA LEU B 426 5.93 38.70 -0.49
C LEU B 426 5.51 40.13 -0.74
N ALA B 427 4.38 40.32 -1.44
CA ALA B 427 3.97 41.64 -1.89
C ALA B 427 2.46 41.83 -1.74
N PRO B 428 2.02 43.06 -1.52
CA PRO B 428 0.59 43.32 -1.43
C PRO B 428 -0.03 43.18 -2.80
N TRP B 429 -1.15 42.48 -2.87
CA TRP B 429 -1.76 42.16 -4.15
C TRP B 429 -3.26 42.39 -4.06
N CYS B 430 -3.83 42.78 -5.21
CA CYS B 430 -5.26 43.02 -5.37
C CYS B 430 -6.03 41.77 -5.77
N GLU B 431 -5.36 40.64 -5.93
CA GLU B 431 -5.98 39.34 -6.17
C GLU B 431 -6.86 39.32 -7.42
N ASP B 432 -6.67 40.27 -8.32
CA ASP B 432 -7.40 40.25 -9.57
C ASP B 432 -6.80 39.22 -10.51
N PRO B 433 -7.61 38.34 -11.12
CA PRO B 433 -7.01 37.22 -11.85
C PRO B 433 -6.21 37.61 -13.09
N GLU B 434 -6.66 38.60 -13.87
CA GLU B 434 -5.93 38.92 -15.10
C GLU B 434 -4.55 39.48 -14.77
N SER B 435 -4.43 40.22 -13.67
CA SER B 435 -3.13 40.79 -13.30
C SER B 435 -2.07 39.72 -13.08
N GLU B 436 -2.47 38.53 -12.58
CA GLU B 436 -1.49 37.46 -12.41
C GLU B 436 -0.90 37.04 -13.74
N GLU B 437 -1.75 36.83 -14.75
CA GLU B 437 -1.26 36.44 -16.07
C GLU B 437 -0.40 37.54 -16.69
N GLN B 438 -0.78 38.80 -16.47
CA GLN B 438 0.06 39.89 -16.95
C GLN B 438 1.44 39.86 -16.29
N ILE B 439 1.48 39.58 -14.98
CA ILE B 439 2.75 39.54 -14.27
C ILE B 439 3.61 38.39 -14.77
N LYS B 440 3.01 37.24 -15.03
CA LYS B 440 3.78 36.12 -15.56
C LYS B 440 4.35 36.46 -16.93
N LYS B 441 3.52 37.04 -17.81
CA LYS B 441 4.00 37.49 -19.11
C LYS B 441 5.16 38.46 -18.96
N GLU B 442 4.99 39.48 -18.10
CA GLU B 442 5.98 40.53 -17.98
C GLU B 442 7.29 39.99 -17.42
N THR B 443 7.23 39.15 -16.39
CA THR B 443 8.46 38.63 -15.80
C THR B 443 9.16 37.69 -16.76
N GLN B 444 8.42 36.89 -17.53
CA GLN B 444 9.10 36.02 -18.48
C GLN B 444 9.76 36.82 -19.59
N LYS B 445 9.11 37.90 -20.06
CA LYS B 445 9.73 38.72 -21.09
C LYS B 445 10.97 39.44 -20.56
N LEU B 446 10.89 39.97 -19.34
CA LEU B 446 12.06 40.57 -18.70
C LEU B 446 13.20 39.55 -18.58
N SER B 447 12.87 38.31 -18.22
CA SER B 447 13.85 37.24 -18.17
C SER B 447 14.52 37.07 -19.52
N GLU B 448 13.70 36.82 -20.55
CA GLU B 448 14.21 36.62 -21.91
C GLU B 448 15.18 37.72 -22.30
N ILE B 449 14.78 38.99 -22.13
CA ILE B 449 15.68 40.08 -22.53
C ILE B 449 16.93 40.12 -21.67
N GLN B 450 16.87 39.62 -20.42
CA GLN B 450 18.10 39.58 -19.64
C GLN B 450 19.13 38.59 -20.21
N ALA B 451 18.70 37.67 -21.08
CA ALA B 451 19.61 36.75 -21.78
C ALA B 451 20.41 37.52 -22.83
N ILE B 452 21.64 37.89 -22.46
CA ILE B 452 22.48 38.75 -23.28
C ILE B 452 23.93 38.30 -23.15
N GLY B 463 11.11 30.75 -16.42
CA GLY B 463 11.32 32.19 -16.45
C GLY B 463 10.27 33.01 -15.69
N ALA B 464 9.00 32.70 -15.92
CA ALA B 464 7.91 33.50 -15.37
C ALA B 464 7.81 33.38 -13.84
N MET B 465 7.28 34.43 -13.22
CA MET B 465 6.95 34.43 -11.81
C MET B 465 5.44 34.29 -11.64
N LYS B 466 5.00 33.40 -10.75
CA LYS B 466 3.58 33.20 -10.51
C LYS B 466 3.29 33.17 -9.02
N THR B 467 1.99 33.16 -8.66
CA THR B 467 1.60 33.03 -7.27
C THR B 467 1.91 31.63 -6.75
N LEU B 468 2.48 31.56 -5.56
CA LEU B 468 2.63 30.31 -4.86
C LEU B 468 1.47 30.08 -3.90
N CYS B 469 1.27 30.99 -2.95
CA CYS B 469 0.04 30.96 -2.16
C CYS B 469 -0.20 32.36 -1.60
N ILE B 470 -1.40 32.55 -1.08
CA ILE B 470 -1.70 33.67 -0.19
C ILE B 470 -1.61 33.13 1.23
N PRO B 471 -0.56 33.44 1.97
CA PRO B 471 -0.31 32.73 3.24
C PRO B 471 -1.41 33.00 4.26
N PHE B 472 -1.74 31.97 5.03
CA PHE B 472 -2.65 32.13 6.15
C PHE B 472 -2.13 33.19 7.11
N ASP B 473 -0.82 33.24 7.28
CA ASP B 473 -0.14 34.16 8.18
C ASP B 473 0.05 35.47 7.44
N GLN B 474 -0.80 36.44 7.72
CA GLN B 474 -0.80 37.70 7.00
C GLN B 474 -0.18 38.79 7.85
N PRO B 475 0.91 39.41 7.42
CA PRO B 475 1.36 40.63 8.08
C PRO B 475 0.26 41.67 8.06
N PRO B 476 0.32 42.68 8.93
CA PRO B 476 -0.65 43.76 8.84
C PRO B 476 -0.60 44.42 7.47
N MET B 477 -1.77 44.85 7.00
CA MET B 477 -1.90 45.57 5.74
C MET B 477 -2.31 47.01 6.05
N PRO B 478 -1.36 47.94 6.11
CA PRO B 478 -1.70 49.34 6.40
C PRO B 478 -2.77 49.87 5.47
N GLU B 479 -3.68 50.67 6.03
CA GLU B 479 -4.77 51.26 5.28
C GLU B 479 -4.28 51.92 4.01
N GLY B 480 -4.91 51.57 2.89
CA GLY B 480 -4.63 52.21 1.61
C GLY B 480 -3.41 51.69 0.88
N THR B 481 -2.77 50.63 1.36
CA THR B 481 -1.63 50.04 0.65
C THR B 481 -2.04 49.66 -0.76
N LYS B 482 -1.15 49.94 -1.72
CA LYS B 482 -1.47 49.70 -3.11
C LYS B 482 -0.80 48.42 -3.60
N CYS B 483 -1.51 47.74 -4.49
CA CYS B 483 -1.02 46.50 -5.09
C CYS B 483 0.25 46.77 -5.90
N PHE B 484 1.26 45.92 -5.68
CA PHE B 484 2.61 46.14 -6.20
C PHE B 484 2.67 46.15 -7.72
N TYR B 485 1.59 45.84 -8.42
CA TYR B 485 1.59 45.81 -9.87
C TYR B 485 0.52 46.71 -10.47
N THR B 486 -0.76 46.48 -10.15
CA THR B 486 -1.82 47.24 -10.79
C THR B 486 -1.93 48.66 -10.28
N GLY B 487 -1.43 48.93 -9.07
CA GLY B 487 -1.72 50.18 -8.40
C GLY B 487 -3.03 50.21 -7.63
N LYS B 488 -3.99 49.33 -7.94
CA LYS B 488 -5.31 49.34 -7.28
C LYS B 488 -5.17 48.97 -5.82
N PRO B 489 -6.22 49.17 -5.02
CA PRO B 489 -6.15 48.76 -3.61
C PRO B 489 -5.73 47.31 -3.44
N ALA B 490 -4.70 47.09 -2.63
CA ALA B 490 -4.27 45.74 -2.33
C ALA B 490 -5.16 45.12 -1.26
N LYS B 491 -5.41 43.83 -1.40
CA LYS B 491 -6.26 43.10 -0.46
C LYS B 491 -5.45 42.23 0.49
N ARG B 492 -4.46 41.49 -0.02
CA ARG B 492 -3.73 40.58 0.87
C ARG B 492 -2.28 40.43 0.42
N TRP B 493 -1.45 40.03 1.37
CA TRP B 493 -0.06 39.69 1.09
C TRP B 493 0.02 38.37 0.33
N THR B 494 0.64 38.38 -0.86
CA THR B 494 0.76 37.17 -1.64
C THR B 494 2.22 36.83 -1.86
N LEU B 495 2.49 35.53 -1.94
CA LEU B 495 3.84 35.00 -2.10
C LEU B 495 4.05 34.58 -3.55
N TRP B 496 5.04 35.20 -4.21
CA TRP B 496 5.34 34.94 -5.60
C TRP B 496 6.75 34.36 -5.77
N GLY B 497 6.93 33.59 -6.84
CA GLY B 497 8.29 33.28 -7.28
C GLY B 497 8.29 32.50 -8.58
N ARG B 498 9.50 32.22 -9.05
CA ARG B 498 9.65 31.19 -10.07
C ARG B 498 9.41 29.84 -9.42
N SER B 499 8.94 28.87 -10.21
CA SER B 499 8.25 27.74 -9.63
C SER B 499 8.50 26.46 -10.42
N TYR B 500 8.32 25.32 -9.74
CA TYR B 500 8.35 24.02 -10.40
C TYR B 500 7.01 23.76 -11.11
#